data_4Q5R
#
_entry.id   4Q5R
#
_cell.length_a   72.063
_cell.length_b   102.379
_cell.length_c   165.765
_cell.angle_alpha   90.00
_cell.angle_beta   90.00
_cell.angle_gamma   90.00
#
_symmetry.space_group_name_H-M   'P 21 21 21'
#
loop_
_entity.id
_entity.type
_entity.pdbx_description
1 polymer 'Glutathione S-transferase'
2 non-polymer GLUTATHIONE
3 non-polymer GLYCEROL
4 non-polymer 'CHLORIDE ION'
5 water water
#
_entity_poly.entity_id   1
_entity_poly.type   'polypeptide(L)'
_entity_poly.pdbx_seq_one_letter_code
;MAPSYKLTYCPVKALGEPIRFLLSYGEKDFEDYRFQEGDWPNLKPSMPFGKTPVLEIDGKQTHQSVAISRYLGKQFGLSG
KDDWENLEIDMIVDTISDFRAAIANYHYDADENSKQKKWDPLKKETIPYYTKKFDEVVKANGGYLAAGKLTWADFYFVAI
LDYLNHMAKEDLVANQPNLKALREKVLGLPAIKAWVAKRPPTDL
;
_entity_poly.pdbx_strand_id   A,C,D,B,F,E
#
loop_
_chem_comp.id
_chem_comp.type
_chem_comp.name
_chem_comp.formula
CL non-polymer 'CHLORIDE ION' 'Cl -1'
GOL non-polymer GLYCEROL 'C3 H8 O3'
GSH non-polymer GLUTATHIONE 'C10 H17 N3 O6 S'
#
# COMPACT_ATOMS: atom_id res chain seq x y z
N PRO A 3 11.16 -13.98 24.30
CA PRO A 3 10.17 -12.95 23.98
C PRO A 3 10.83 -11.69 23.42
N SER A 4 10.61 -11.42 22.14
CA SER A 4 11.19 -10.24 21.51
C SER A 4 10.29 -9.01 21.76
N TYR A 5 10.92 -7.85 21.82
CA TYR A 5 10.20 -6.59 21.98
C TYR A 5 10.74 -5.52 21.02
N LYS A 6 9.83 -4.88 20.30
CA LYS A 6 10.19 -3.76 19.43
C LYS A 6 9.18 -2.63 19.63
N LEU A 7 9.67 -1.51 20.17
CA LEU A 7 8.84 -0.35 20.42
C LEU A 7 9.01 0.67 19.30
N THR A 8 7.89 1.24 18.85
CA THR A 8 7.90 2.29 17.83
C THR A 8 7.17 3.51 18.38
N TYR A 9 7.88 4.63 18.45
CA TYR A 9 7.28 5.87 18.95
C TYR A 9 8.14 7.09 18.60
N CYS A 10 7.56 8.28 18.78
CA CYS A 10 8.27 9.55 18.59
C CYS A 10 9.63 9.57 19.27
N PRO A 11 10.54 10.42 18.77
CA PRO A 11 11.85 10.61 19.41
C PRO A 11 11.75 11.52 20.66
N VAL A 12 10.74 11.24 21.49
CA VAL A 12 10.57 11.95 22.74
C VAL A 12 10.08 10.94 23.78
N LYS A 13 9.95 11.37 25.02
CA LYS A 13 9.47 10.50 26.08
C LYS A 13 7.95 10.32 25.97
N ALA A 14 7.20 11.26 26.53
CA ALA A 14 5.74 11.29 26.42
C ALA A 14 5.07 9.91 26.60
N LEU A 15 4.26 9.50 25.64
CA LEU A 15 3.41 8.32 25.81
C LEU A 15 4.13 6.99 25.59
N GLY A 16 5.35 7.04 25.09
CA GLY A 16 6.14 5.84 24.88
C GLY A 16 6.96 5.46 26.10
N GLU A 17 7.30 6.46 26.92
CA GLU A 17 8.21 6.27 28.04
C GLU A 17 7.74 5.23 29.07
N PRO A 18 6.44 5.22 29.40
CA PRO A 18 5.94 4.20 30.34
C PRO A 18 6.32 2.78 29.94
N ILE A 19 6.30 2.52 28.63
CA ILE A 19 6.63 1.19 28.12
C ILE A 19 8.12 0.93 28.24
N ARG A 20 8.93 1.95 27.95
CA ARG A 20 10.37 1.83 28.05
C ARG A 20 10.78 1.59 29.50
N PHE A 21 10.10 2.26 30.43
CA PHE A 21 10.37 2.07 31.86
C PHE A 21 10.08 0.65 32.30
N LEU A 22 8.90 0.14 31.93
CA LEU A 22 8.45 -1.16 32.38
C LEU A 22 9.30 -2.29 31.82
N LEU A 23 9.63 -2.21 30.54
CA LEU A 23 10.50 -3.20 29.92
C LEU A 23 11.88 -3.21 30.58
N SER A 24 12.42 -2.03 30.83
CA SER A 24 13.69 -1.90 31.55
C SER A 24 13.61 -2.59 32.89
N TYR A 25 12.55 -2.29 33.64
CA TYR A 25 12.34 -2.85 34.96
C TYR A 25 12.22 -4.37 34.92
N GLY A 26 11.62 -4.88 33.85
CA GLY A 26 11.44 -6.32 33.68
C GLY A 26 12.71 -6.99 33.18
N GLU A 27 13.79 -6.23 33.05
CA GLU A 27 15.07 -6.74 32.59
C GLU A 27 14.94 -7.38 31.20
N LYS A 28 14.17 -6.72 30.34
CA LYS A 28 13.96 -7.17 28.97
C LYS A 28 14.63 -6.24 27.98
N ASP A 29 15.39 -6.81 27.04
CA ASP A 29 15.96 -6.03 25.94
C ASP A 29 14.87 -5.74 24.93
N PHE A 30 14.99 -4.61 24.24
CA PHE A 30 14.03 -4.26 23.21
C PHE A 30 14.62 -3.26 22.21
N GLU A 31 14.15 -3.33 20.97
CA GLU A 31 14.53 -2.34 19.96
C GLU A 31 13.71 -1.08 20.19
N ASP A 32 14.40 0.01 20.49
CA ASP A 32 13.74 1.30 20.72
C ASP A 32 13.74 2.13 19.44
N TYR A 33 12.87 1.78 18.50
CA TYR A 33 12.82 2.49 17.23
C TYR A 33 12.15 3.85 17.37
N ARG A 34 12.84 4.89 16.93
CA ARG A 34 12.33 6.25 16.98
C ARG A 34 12.31 6.83 15.57
N PHE A 35 11.12 6.96 15.00
CA PHE A 35 10.98 7.40 13.61
C PHE A 35 11.25 8.89 13.45
N GLN A 36 11.83 9.27 12.33
CA GLN A 36 12.07 10.66 12.01
C GLN A 36 10.77 11.30 11.53
N GLU A 37 10.67 12.61 11.67
CA GLU A 37 9.44 13.34 11.36
C GLU A 37 8.96 13.11 9.93
N GLY A 38 9.88 13.15 8.98
CA GLY A 38 9.53 13.05 7.57
C GLY A 38 9.07 11.66 7.16
N ASP A 39 9.31 10.67 8.02
CA ASP A 39 8.98 9.28 7.71
C ASP A 39 7.58 8.89 8.20
N TRP A 40 7.02 9.66 9.12
CA TRP A 40 5.74 9.33 9.72
C TRP A 40 4.59 9.16 8.71
N PRO A 41 4.49 10.08 7.73
CA PRO A 41 3.47 9.95 6.67
C PRO A 41 3.35 8.54 6.08
N ASN A 42 4.45 7.80 6.06
CA ASN A 42 4.44 6.46 5.47
C ASN A 42 4.28 5.35 6.50
N LEU A 43 4.61 5.64 7.76
CA LEU A 43 4.47 4.66 8.84
C LEU A 43 3.02 4.52 9.28
N LYS A 44 2.33 5.65 9.38
CA LYS A 44 0.98 5.74 9.93
C LYS A 44 0.03 4.61 9.53
N PRO A 45 -0.10 4.32 8.22
CA PRO A 45 -1.03 3.27 7.81
C PRO A 45 -0.72 1.88 8.34
N SER A 46 0.53 1.63 8.75
CA SER A 46 0.92 0.31 9.24
C SER A 46 0.67 0.15 10.74
N MET A 47 0.16 1.20 11.38
CA MET A 47 -0.19 1.14 12.80
C MET A 47 -1.68 0.81 12.94
N PRO A 48 -2.06 0.02 13.95
CA PRO A 48 -3.43 -0.50 14.03
C PRO A 48 -4.54 0.56 13.93
N PHE A 49 -4.29 1.74 14.50
CA PHE A 49 -5.24 2.85 14.39
C PHE A 49 -4.54 4.17 14.12
N GLY A 50 -3.36 4.09 13.50
CA GLY A 50 -2.70 5.27 12.96
C GLY A 50 -1.98 6.12 13.99
N LYS A 51 -1.64 5.52 15.11
CA LYS A 51 -0.90 6.23 16.16
C LYS A 51 0.13 5.32 16.82
N THR A 52 1.10 5.93 17.47
CA THR A 52 2.07 5.23 18.30
C THR A 52 1.92 5.78 19.71
N PRO A 53 2.46 5.08 20.73
CA PRO A 53 3.35 3.91 20.72
C PRO A 53 2.72 2.63 20.21
N VAL A 54 3.50 1.85 19.46
CA VAL A 54 3.14 0.50 19.09
C VAL A 54 4.27 -0.43 19.55
N LEU A 55 3.90 -1.49 20.26
CA LEU A 55 4.87 -2.45 20.77
C LEU A 55 4.66 -3.82 20.15
N GLU A 56 5.67 -4.32 19.46
CA GLU A 56 5.64 -5.67 18.91
C GLU A 56 6.13 -6.65 19.96
N ILE A 57 5.24 -7.54 20.39
CA ILE A 57 5.57 -8.56 21.38
C ILE A 57 5.64 -9.91 20.69
N ASP A 58 6.87 -10.38 20.46
CA ASP A 58 7.10 -11.55 19.62
C ASP A 58 6.42 -11.36 18.26
N GLY A 59 6.57 -10.17 17.70
CA GLY A 59 6.04 -9.84 16.39
C GLY A 59 4.67 -9.21 16.41
N LYS A 60 3.84 -9.63 17.36
CA LYS A 60 2.45 -9.17 17.42
C LYS A 60 2.36 -7.71 17.85
N GLN A 61 1.74 -6.90 17.00
CA GLN A 61 1.56 -5.48 17.30
C GLN A 61 0.61 -5.28 18.45
N THR A 62 0.97 -4.37 19.35
CA THR A 62 0.05 -3.89 20.37
C THR A 62 0.16 -2.38 20.37
N HIS A 63 -0.89 -1.70 20.84
CA HIS A 63 -0.87 -0.24 20.92
C HIS A 63 -1.66 0.21 22.15
N GLN A 64 -1.82 1.53 22.31
CA GLN A 64 -2.43 2.15 23.48
C GLN A 64 -1.51 2.04 24.70
N SER A 65 -0.93 3.17 25.08
CA SER A 65 0.09 3.21 26.13
C SER A 65 -0.38 2.56 27.43
N VAL A 66 -1.62 2.86 27.80
CA VAL A 66 -2.17 2.37 29.06
C VAL A 66 -2.41 0.87 29.02
N ALA A 67 -3.00 0.38 27.93
CA ALA A 67 -3.31 -1.05 27.82
C ALA A 67 -2.04 -1.88 27.83
N ILE A 68 -1.00 -1.39 27.14
CA ILE A 68 0.29 -2.07 27.11
C ILE A 68 0.93 -2.09 28.51
N SER A 69 0.80 -0.98 29.23
CA SER A 69 1.42 -0.86 30.55
C SER A 69 0.76 -1.79 31.57
N ARG A 70 -0.56 -1.95 31.45
CA ARG A 70 -1.29 -2.85 32.34
C ARG A 70 -0.84 -4.29 32.12
N TYR A 71 -0.63 -4.64 30.86
CA TYR A 71 -0.21 -5.99 30.51
C TYR A 71 1.19 -6.28 31.07
N LEU A 72 2.14 -5.44 30.70
CA LEU A 72 3.51 -5.59 31.16
C LEU A 72 3.59 -5.56 32.68
N GLY A 73 2.79 -4.70 33.30
CA GLY A 73 2.75 -4.60 34.74
C GLY A 73 2.38 -5.92 35.40
N LYS A 74 1.46 -6.65 34.77
CA LYS A 74 1.07 -7.95 35.28
C LYS A 74 2.15 -9.00 35.02
N GLN A 75 2.90 -8.83 33.93
CA GLN A 75 3.99 -9.74 33.62
C GLN A 75 5.13 -9.62 34.63
N PHE A 76 5.40 -8.40 35.09
CA PHE A 76 6.56 -8.12 35.92
C PHE A 76 6.23 -7.98 37.40
N GLY A 77 5.06 -8.48 37.81
CA GLY A 77 4.67 -8.46 39.21
C GLY A 77 4.34 -7.09 39.73
N LEU A 78 3.78 -6.24 38.88
CA LEU A 78 3.45 -4.85 39.24
C LEU A 78 1.95 -4.58 39.14
N SER A 79 1.16 -5.61 39.43
CA SER A 79 -0.30 -5.50 39.35
C SER A 79 -0.97 -5.87 40.66
N GLY A 80 -2.30 -5.91 40.65
CA GLY A 80 -3.08 -6.20 41.84
C GLY A 80 -3.11 -7.67 42.19
N LYS A 81 -3.34 -7.95 43.46
CA LYS A 81 -3.43 -9.32 43.95
C LYS A 81 -4.74 -9.95 43.51
N ASP A 82 -5.73 -9.10 43.23
CA ASP A 82 -7.05 -9.57 42.82
C ASP A 82 -7.77 -8.52 41.97
N ASP A 83 -9.04 -8.78 41.68
CA ASP A 83 -9.82 -7.90 40.81
C ASP A 83 -9.99 -6.51 41.39
N TRP A 84 -10.25 -6.42 42.69
CA TRP A 84 -10.47 -5.14 43.32
C TRP A 84 -9.23 -4.27 43.28
N GLU A 85 -8.06 -4.88 43.49
CA GLU A 85 -6.82 -4.13 43.48
C GLU A 85 -6.49 -3.63 42.07
N ASN A 86 -6.75 -4.46 41.06
CA ASN A 86 -6.51 -4.06 39.68
C ASN A 86 -7.47 -2.96 39.25
N LEU A 87 -8.69 -2.99 39.79
CA LEU A 87 -9.63 -1.89 39.58
C LEU A 87 -9.07 -0.61 40.20
N GLU A 88 -8.52 -0.72 41.41
CA GLU A 88 -7.98 0.44 42.09
C GLU A 88 -6.87 1.08 41.25
N ILE A 89 -5.97 0.24 40.74
CA ILE A 89 -4.91 0.70 39.86
C ILE A 89 -5.48 1.32 38.58
N ASP A 90 -6.48 0.66 37.99
CA ASP A 90 -7.07 1.14 36.75
C ASP A 90 -7.71 2.52 36.91
N MET A 91 -8.37 2.74 38.04
CA MET A 91 -9.09 3.99 38.25
C MET A 91 -8.14 5.18 38.36
N ILE A 92 -7.02 4.99 39.06
CA ILE A 92 -6.08 6.08 39.26
C ILE A 92 -5.33 6.43 37.96
N VAL A 93 -5.11 5.44 37.11
CA VAL A 93 -4.44 5.69 35.83
C VAL A 93 -5.36 6.40 34.83
N ASP A 94 -6.62 6.00 34.75
CA ASP A 94 -7.57 6.71 33.90
C ASP A 94 -7.75 8.15 34.38
N THR A 95 -7.57 8.36 35.68
CA THR A 95 -7.69 9.69 36.25
C THR A 95 -6.49 10.54 35.84
N ILE A 96 -5.32 9.90 35.75
CA ILE A 96 -4.13 10.57 35.24
C ILE A 96 -4.35 10.97 33.79
N SER A 97 -5.06 10.13 33.03
CA SER A 97 -5.39 10.46 31.64
C SER A 97 -6.32 11.66 31.56
N ASP A 98 -7.28 11.75 32.47
CA ASP A 98 -8.16 12.90 32.54
C ASP A 98 -7.34 14.16 32.78
N PHE A 99 -6.43 14.07 33.74
CA PHE A 99 -5.56 15.19 34.08
C PHE A 99 -4.74 15.62 32.87
N ARG A 100 -4.19 14.63 32.15
CA ARG A 100 -3.39 14.92 30.97
C ARG A 100 -4.22 15.60 29.89
N ALA A 101 -5.46 15.14 29.71
CA ALA A 101 -6.36 15.70 28.72
C ALA A 101 -6.65 17.18 28.99
N ALA A 102 -6.82 17.52 30.27
CA ALA A 102 -7.06 18.90 30.66
C ALA A 102 -5.86 19.77 30.30
N ILE A 103 -4.67 19.26 30.59
CA ILE A 103 -3.43 19.97 30.25
C ILE A 103 -3.29 20.06 28.73
N ALA A 104 -3.46 18.93 28.06
CA ALA A 104 -3.27 18.85 26.62
C ALA A 104 -4.27 19.73 25.87
N ASN A 105 -5.42 19.98 26.49
CA ASN A 105 -6.46 20.80 25.88
C ASN A 105 -5.97 22.24 25.69
N TYR A 106 -5.19 22.73 26.65
CA TYR A 106 -4.58 24.04 26.54
C TYR A 106 -3.40 24.03 25.58
N HIS A 107 -2.50 23.08 25.79
CA HIS A 107 -1.20 23.05 25.14
C HIS A 107 -1.28 22.91 23.62
N TYR A 108 -2.22 22.11 23.14
CA TYR A 108 -2.37 21.86 21.71
C TYR A 108 -3.44 22.73 21.05
N ASP A 109 -3.89 23.76 21.74
CA ASP A 109 -4.89 24.67 21.19
C ASP A 109 -4.25 25.62 20.18
N ALA A 110 -4.52 25.38 18.90
CA ALA A 110 -3.83 26.09 17.82
C ALA A 110 -4.27 27.55 17.67
N ASP A 111 -5.37 27.92 18.35
CA ASP A 111 -5.86 29.29 18.31
C ASP A 111 -5.47 30.04 19.57
N GLU A 112 -4.61 31.04 19.42
CA GLU A 112 -4.08 31.81 20.54
C GLU A 112 -5.19 32.44 21.39
N ASN A 113 -6.36 32.63 20.81
CA ASN A 113 -7.48 33.22 21.52
C ASN A 113 -8.12 32.24 22.50
N SER A 114 -8.49 31.06 22.01
CA SER A 114 -9.10 30.04 22.86
C SER A 114 -8.09 29.52 23.87
N LYS A 115 -6.84 29.41 23.44
CA LYS A 115 -5.76 28.92 24.30
C LYS A 115 -5.60 29.78 25.55
N GLN A 116 -5.59 31.09 25.38
CA GLN A 116 -5.42 32.02 26.49
C GLN A 116 -6.56 31.92 27.50
N LYS A 117 -7.76 31.65 27.00
CA LYS A 117 -8.91 31.48 27.89
C LYS A 117 -8.72 30.27 28.80
N LYS A 118 -7.90 29.32 28.36
CA LYS A 118 -7.71 28.07 29.08
C LYS A 118 -6.55 28.11 30.06
N TRP A 119 -5.68 29.10 29.94
CA TRP A 119 -4.51 29.20 30.80
C TRP A 119 -4.90 29.35 32.27
N ASP A 120 -5.61 30.42 32.59
CA ASP A 120 -5.95 30.73 33.97
C ASP A 120 -6.71 29.61 34.68
N PRO A 121 -7.76 29.07 34.05
CA PRO A 121 -8.45 27.94 34.68
C PRO A 121 -7.55 26.73 34.90
N LEU A 122 -6.65 26.47 33.97
CA LEU A 122 -5.72 25.36 34.10
C LEU A 122 -4.80 25.56 35.30
N LYS A 123 -4.23 26.76 35.40
CA LYS A 123 -3.24 27.05 36.44
C LYS A 123 -3.87 27.26 37.81
N LYS A 124 -5.07 27.83 37.83
CA LYS A 124 -5.71 28.20 39.10
C LYS A 124 -6.61 27.10 39.67
N GLU A 125 -7.31 26.38 38.80
CA GLU A 125 -8.29 25.39 39.24
C GLU A 125 -7.81 23.96 39.03
N THR A 126 -7.54 23.60 37.79
CA THR A 126 -7.28 22.22 37.42
C THR A 126 -6.02 21.66 38.06
N ILE A 127 -4.90 22.33 37.86
CA ILE A 127 -3.60 21.81 38.31
C ILE A 127 -3.55 21.65 39.83
N PRO A 128 -3.92 22.71 40.59
CA PRO A 128 -3.96 22.55 42.05
C PRO A 128 -4.91 21.44 42.48
N TYR A 129 -6.05 21.32 41.81
CA TYR A 129 -7.03 20.30 42.17
C TYR A 129 -6.46 18.89 42.05
N TYR A 130 -5.95 18.56 40.87
CA TYR A 130 -5.43 17.20 40.62
C TYR A 130 -4.15 16.89 41.40
N THR A 131 -3.22 17.84 41.45
CA THR A 131 -1.95 17.60 42.13
C THR A 131 -2.15 17.34 43.62
N LYS A 132 -3.04 18.11 44.25
CA LYS A 132 -3.35 17.91 45.66
C LYS A 132 -4.03 16.56 45.87
N LYS A 133 -5.01 16.24 45.02
CA LYS A 133 -5.72 14.98 45.11
C LYS A 133 -4.79 13.78 44.95
N PHE A 134 -3.92 13.82 43.94
CA PHE A 134 -2.97 12.72 43.71
C PHE A 134 -2.00 12.61 44.89
N ASP A 135 -1.60 13.74 45.45
CA ASP A 135 -0.69 13.75 46.60
C ASP A 135 -1.34 13.07 47.81
N GLU A 136 -2.61 13.36 48.05
CA GLU A 136 -3.36 12.71 49.12
C GLU A 136 -3.38 11.20 48.92
N VAL A 137 -3.66 10.76 47.70
CA VAL A 137 -3.76 9.34 47.39
C VAL A 137 -2.42 8.65 47.62
N VAL A 138 -1.34 9.26 47.14
CA VAL A 138 -0.01 8.67 47.26
C VAL A 138 0.40 8.54 48.73
N LYS A 139 0.01 9.52 49.54
CA LYS A 139 0.30 9.46 50.98
C LYS A 139 -0.58 8.42 51.65
N ALA A 140 -1.85 8.36 51.25
CA ALA A 140 -2.80 7.42 51.82
C ALA A 140 -2.49 5.98 51.42
N ASN A 141 -1.58 5.82 50.46
CA ASN A 141 -1.14 4.51 50.00
C ASN A 141 0.33 4.23 50.33
N GLY A 142 0.86 4.97 51.31
CA GLY A 142 2.21 4.75 51.79
C GLY A 142 3.28 5.01 50.74
N GLY A 143 3.04 5.99 49.87
CA GLY A 143 4.04 6.42 48.90
C GLY A 143 3.91 5.77 47.54
N TYR A 144 2.71 5.26 47.24
CA TYR A 144 2.42 4.66 45.93
C TYR A 144 1.05 5.13 45.45
N LEU A 145 0.81 5.06 44.15
CA LEU A 145 -0.44 5.58 43.61
C LEU A 145 -1.64 4.68 43.89
N ALA A 146 -1.39 3.40 44.15
CA ALA A 146 -2.47 2.45 44.40
C ALA A 146 -2.01 1.19 45.10
N ALA A 147 -2.94 0.56 45.82
CA ALA A 147 -2.74 -0.78 46.38
C ALA A 147 -1.60 -0.87 47.39
N GLY A 148 -1.25 0.26 47.99
CA GLY A 148 -0.26 0.29 49.05
C GLY A 148 1.11 -0.25 48.66
N LYS A 149 1.33 -0.49 47.37
CA LYS A 149 2.58 -1.04 46.89
C LYS A 149 2.94 -0.47 45.53
N LEU A 150 4.14 -0.79 45.05
CA LEU A 150 4.56 -0.40 43.73
C LEU A 150 3.70 -1.12 42.69
N THR A 151 3.21 -0.37 41.71
CA THR A 151 2.43 -0.95 40.62
C THR A 151 2.79 -0.25 39.31
N TRP A 152 2.21 -0.71 38.21
CA TRP A 152 2.51 -0.12 36.90
C TRP A 152 1.98 1.31 36.79
N ALA A 153 1.04 1.67 37.67
CA ALA A 153 0.53 3.03 37.73
C ALA A 153 1.65 4.02 38.04
N ASP A 154 2.55 3.61 38.95
CA ASP A 154 3.64 4.48 39.38
C ASP A 154 4.62 4.71 38.23
N PHE A 155 4.91 3.65 37.49
CA PHE A 155 5.79 3.74 36.33
C PHE A 155 5.17 4.59 35.24
N TYR A 156 3.86 4.49 35.05
CA TYR A 156 3.18 5.27 34.02
C TYR A 156 3.23 6.74 34.38
N PHE A 157 2.84 7.05 35.61
CA PHE A 157 2.79 8.44 36.08
C PHE A 157 4.14 9.14 35.98
N VAL A 158 5.18 8.52 36.53
CA VAL A 158 6.50 9.15 36.58
C VAL A 158 7.10 9.28 35.17
N ALA A 159 6.85 8.29 34.32
CA ALA A 159 7.41 8.28 32.98
C ALA A 159 6.86 9.42 32.12
N ILE A 160 5.57 9.74 32.26
CA ILE A 160 4.96 10.80 31.46
C ILE A 160 5.05 12.17 32.13
N LEU A 161 5.51 12.20 33.37
CA LEU A 161 5.47 13.42 34.17
C LEU A 161 6.19 14.60 33.51
N ASP A 162 7.34 14.32 32.91
CA ASP A 162 8.10 15.37 32.21
C ASP A 162 7.28 15.96 31.07
N TYR A 163 6.63 15.09 30.31
CA TYR A 163 5.74 15.50 29.23
C TYR A 163 4.63 16.40 29.79
N LEU A 164 4.09 16.03 30.95
CA LEU A 164 3.06 16.84 31.61
C LEU A 164 3.64 18.16 32.08
N ASN A 165 4.87 18.14 32.61
CA ASN A 165 5.53 19.36 33.06
C ASN A 165 5.76 20.33 31.91
N HIS A 166 6.23 19.79 30.80
CA HIS A 166 6.50 20.60 29.61
C HIS A 166 5.24 21.30 29.10
N MET A 167 4.12 20.58 29.10
CA MET A 167 2.85 21.15 28.64
C MET A 167 2.29 22.17 29.63
N ALA A 168 2.42 21.86 30.92
CA ALA A 168 1.92 22.74 31.97
C ALA A 168 2.90 23.87 32.25
N LYS A 169 4.07 23.80 31.64
CA LYS A 169 5.13 24.81 31.81
C LYS A 169 5.49 25.00 33.29
N GLU A 170 5.58 23.89 34.02
CA GLU A 170 6.00 23.90 35.42
C GLU A 170 6.29 22.48 35.89
N ASP A 171 7.11 22.34 36.92
CA ASP A 171 7.29 21.04 37.58
C ASP A 171 6.07 20.83 38.47
N LEU A 172 5.18 19.94 38.04
CA LEU A 172 3.87 19.78 38.65
C LEU A 172 3.92 19.24 40.09
N VAL A 173 4.98 18.51 40.41
CA VAL A 173 5.09 17.85 41.72
C VAL A 173 6.09 18.57 42.62
N ALA A 174 6.60 19.70 42.16
CA ALA A 174 7.64 20.44 42.89
C ALA A 174 7.22 20.79 44.32
N ASN A 175 5.92 20.99 44.52
CA ASN A 175 5.41 21.40 45.83
C ASN A 175 4.46 20.36 46.42
N GLN A 176 4.51 19.14 45.87
CA GLN A 176 3.74 18.02 46.40
C GLN A 176 4.73 16.95 46.85
N PRO A 177 5.08 16.94 48.15
CA PRO A 177 6.19 16.12 48.64
C PRO A 177 6.01 14.62 48.43
N ASN A 178 4.80 14.11 48.62
CA ASN A 178 4.55 12.69 48.44
C ASN A 178 4.67 12.28 46.97
N LEU A 179 4.27 13.18 46.08
CA LEU A 179 4.42 12.94 44.64
C LEU A 179 5.89 13.07 44.24
N LYS A 180 6.56 14.08 44.78
CA LYS A 180 7.97 14.29 44.51
C LYS A 180 8.79 13.09 44.96
N ALA A 181 8.44 12.54 46.12
CA ALA A 181 9.13 11.38 46.65
C ALA A 181 8.86 10.14 45.79
N LEU A 182 7.66 10.06 45.21
CA LEU A 182 7.31 8.94 44.33
C LEU A 182 8.16 8.99 43.07
N ARG A 183 8.34 10.18 42.51
CA ARG A 183 9.18 10.36 41.33
C ARG A 183 10.61 9.92 41.61
N GLU A 184 11.18 10.43 42.69
CA GLU A 184 12.55 10.10 43.07
C GLU A 184 12.70 8.61 43.31
N LYS A 185 11.67 8.00 43.88
CA LYS A 185 11.68 6.56 44.15
C LYS A 185 11.77 5.76 42.85
N VAL A 186 10.87 6.05 41.92
CA VAL A 186 10.85 5.34 40.64
C VAL A 186 12.11 5.60 39.83
N LEU A 187 12.46 6.88 39.66
CA LEU A 187 13.68 7.24 38.94
C LEU A 187 14.89 6.66 39.64
N GLY A 188 14.75 6.38 40.93
CA GLY A 188 15.82 5.82 41.72
C GLY A 188 16.12 4.37 41.35
N LEU A 189 15.08 3.63 40.98
CA LEU A 189 15.21 2.20 40.67
C LEU A 189 16.37 1.94 39.71
N PRO A 190 17.18 0.90 40.00
CA PRO A 190 18.39 0.63 39.19
C PRO A 190 18.14 0.54 37.69
N ALA A 191 17.08 -0.17 37.30
CA ALA A 191 16.76 -0.34 35.89
C ALA A 191 16.36 0.99 35.26
N ILE A 192 15.63 1.80 36.02
CA ILE A 192 15.21 3.11 35.53
C ILE A 192 16.42 4.04 35.44
N LYS A 193 17.18 4.12 36.52
CA LYS A 193 18.38 4.96 36.57
C LYS A 193 19.29 4.64 35.38
N ALA A 194 19.49 3.35 35.13
CA ALA A 194 20.29 2.90 33.99
C ALA A 194 19.65 3.38 32.69
N TRP A 195 18.33 3.25 32.61
CA TRP A 195 17.61 3.67 31.41
C TRP A 195 17.65 5.18 31.22
N VAL A 196 17.43 5.93 32.31
CA VAL A 196 17.43 7.38 32.25
C VAL A 196 18.79 7.91 31.79
N ALA A 197 19.86 7.25 32.19
CA ALA A 197 21.21 7.64 31.78
C ALA A 197 21.40 7.36 30.30
N LYS A 198 20.81 6.27 29.83
CA LYS A 198 21.03 5.77 28.48
C LYS A 198 20.13 6.44 27.43
N ARG A 199 18.95 6.88 27.86
CA ARG A 199 17.95 7.37 26.92
C ARG A 199 18.33 8.72 26.32
N PRO A 200 17.94 8.97 25.06
CA PRO A 200 18.14 10.30 24.48
C PRO A 200 17.36 11.35 25.25
N PRO A 201 17.98 12.50 25.56
CA PRO A 201 17.29 13.48 26.42
C PRO A 201 16.39 14.42 25.62
N THR A 202 15.20 14.68 26.15
CA THR A 202 14.22 15.53 25.48
C THR A 202 13.47 16.39 26.50
N ASP A 203 12.84 17.45 26.00
CA ASP A 203 12.10 18.37 26.87
C ASP A 203 10.78 17.75 27.29
N LEU A 204 10.38 16.70 26.60
CA LEU A 204 9.08 16.07 26.82
C LEU A 204 9.10 14.61 26.39
N PRO B 3 -15.72 -15.34 -10.33
CA PRO B 3 -15.09 -16.64 -10.59
C PRO B 3 -15.15 -17.54 -9.36
N SER B 4 -15.67 -18.75 -9.52
CA SER B 4 -15.77 -19.71 -8.41
C SER B 4 -14.48 -20.53 -8.31
N TYR B 5 -14.09 -20.85 -7.08
CA TYR B 5 -12.86 -21.58 -6.82
C TYR B 5 -13.13 -22.90 -6.10
N LYS B 6 -12.37 -23.92 -6.47
CA LYS B 6 -12.39 -25.21 -5.76
C LYS B 6 -10.98 -25.73 -5.59
N LEU B 7 -10.54 -25.81 -4.33
CA LEU B 7 -9.22 -26.31 -4.00
C LEU B 7 -9.28 -27.79 -3.60
N THR B 8 -8.42 -28.60 -4.19
CA THR B 8 -8.27 -30.00 -3.79
C THR B 8 -6.88 -30.22 -3.22
N TYR B 9 -6.81 -30.74 -2.00
CA TYR B 9 -5.53 -30.99 -1.34
C TYR B 9 -5.69 -31.92 -0.13
N CYS B 10 -4.56 -32.39 0.39
CA CYS B 10 -4.55 -33.16 1.63
C CYS B 10 -5.23 -32.38 2.75
N PRO B 11 -5.67 -33.08 3.80
CA PRO B 11 -6.34 -32.39 4.91
C PRO B 11 -5.33 -31.78 5.90
N VAL B 12 -4.34 -31.07 5.37
CA VAL B 12 -3.38 -30.34 6.20
C VAL B 12 -3.16 -28.95 5.59
N LYS B 13 -2.35 -28.13 6.24
CA LYS B 13 -2.03 -26.82 5.70
C LYS B 13 -1.01 -26.97 4.57
N ALA B 14 0.26 -27.12 4.94
CA ALA B 14 1.37 -27.35 4.00
C ALA B 14 1.23 -26.59 2.67
N LEU B 15 1.29 -27.30 1.54
CA LEU B 15 1.37 -26.66 0.24
C LEU B 15 0.05 -26.03 -0.21
N GLY B 16 -1.05 -26.41 0.42
CA GLY B 16 -2.34 -25.87 0.08
C GLY B 16 -2.63 -24.54 0.75
N GLU B 17 -2.06 -24.35 1.94
CA GLU B 17 -2.38 -23.20 2.78
C GLU B 17 -2.09 -21.84 2.15
N PRO B 18 -1.01 -21.72 1.38
CA PRO B 18 -0.77 -20.45 0.68
C PRO B 18 -1.94 -20.02 -0.21
N ILE B 19 -2.59 -21.00 -0.85
CA ILE B 19 -3.72 -20.72 -1.73
C ILE B 19 -4.94 -20.32 -0.93
N ARG B 20 -5.17 -21.00 0.19
CA ARG B 20 -6.31 -20.69 1.05
C ARG B 20 -6.15 -19.30 1.64
N PHE B 21 -4.90 -18.94 1.96
CA PHE B 21 -4.59 -17.61 2.48
C PHE B 21 -4.93 -16.52 1.48
N LEU B 22 -4.52 -16.73 0.23
CA LEU B 22 -4.64 -15.70 -0.80
C LEU B 22 -6.08 -15.48 -1.27
N LEU B 23 -6.87 -16.55 -1.28
CA LEU B 23 -8.27 -16.43 -1.65
C LEU B 23 -9.06 -15.76 -0.52
N SER B 24 -8.72 -16.09 0.71
CA SER B 24 -9.29 -15.42 1.88
C SER B 24 -9.01 -13.93 1.80
N TYR B 25 -7.74 -13.57 1.59
CA TYR B 25 -7.34 -12.17 1.52
C TYR B 25 -8.06 -11.45 0.38
N GLY B 26 -8.18 -12.11 -0.76
CA GLY B 26 -8.88 -11.55 -1.90
C GLY B 26 -10.38 -11.56 -1.68
N GLU B 27 -10.81 -12.14 -0.55
CA GLU B 27 -12.23 -12.20 -0.20
C GLU B 27 -13.05 -12.87 -1.30
N LYS B 28 -12.60 -14.06 -1.69
CA LYS B 28 -13.30 -14.89 -2.65
C LYS B 28 -13.72 -16.19 -2.00
N ASP B 29 -14.99 -16.54 -2.13
CA ASP B 29 -15.50 -17.80 -1.59
C ASP B 29 -14.91 -18.97 -2.38
N PHE B 30 -14.53 -20.03 -1.68
CA PHE B 30 -13.97 -21.21 -2.35
C PHE B 30 -14.31 -22.49 -1.59
N GLU B 31 -14.58 -23.56 -2.33
CA GLU B 31 -14.74 -24.88 -1.73
C GLU B 31 -13.37 -25.39 -1.32
N ASP B 32 -13.20 -25.63 -0.02
CA ASP B 32 -11.95 -26.14 0.51
C ASP B 32 -12.04 -27.66 0.63
N TYR B 33 -11.98 -28.35 -0.51
CA TYR B 33 -12.10 -29.81 -0.50
C TYR B 33 -10.82 -30.47 0.01
N ARG B 34 -10.94 -31.11 1.17
CA ARG B 34 -9.85 -31.88 1.75
C ARG B 34 -10.20 -33.35 1.63
N PHE B 35 -9.49 -34.07 0.74
CA PHE B 35 -9.86 -35.45 0.44
C PHE B 35 -9.40 -36.42 1.52
N GLN B 36 -10.24 -37.42 1.80
CA GLN B 36 -9.91 -38.46 2.76
C GLN B 36 -8.80 -39.34 2.18
N GLU B 37 -7.92 -39.82 3.05
CA GLU B 37 -6.75 -40.60 2.64
C GLU B 37 -7.08 -41.75 1.69
N GLY B 38 -8.29 -42.27 1.77
CA GLY B 38 -8.70 -43.39 0.95
C GLY B 38 -9.27 -42.98 -0.40
N ASP B 39 -9.33 -41.68 -0.65
CA ASP B 39 -9.87 -41.16 -1.92
C ASP B 39 -8.77 -40.81 -2.92
N TRP B 40 -7.51 -40.94 -2.50
CA TRP B 40 -6.41 -40.49 -3.34
C TRP B 40 -6.24 -41.29 -4.64
N PRO B 41 -6.29 -42.64 -4.56
CA PRO B 41 -6.17 -43.45 -5.78
C PRO B 41 -7.15 -43.08 -6.89
N ASN B 42 -8.31 -42.55 -6.54
CA ASN B 42 -9.30 -42.15 -7.55
C ASN B 42 -9.04 -40.75 -8.07
N LEU B 43 -8.53 -39.88 -7.21
CA LEU B 43 -8.29 -38.49 -7.57
C LEU B 43 -7.02 -38.30 -8.39
N LYS B 44 -6.01 -39.14 -8.14
CA LYS B 44 -4.67 -38.95 -8.71
C LYS B 44 -4.63 -38.79 -10.23
N PRO B 45 -5.21 -39.74 -10.98
CA PRO B 45 -5.13 -39.63 -12.44
C PRO B 45 -5.87 -38.41 -12.99
N SER B 46 -6.80 -37.86 -12.22
CA SER B 46 -7.53 -36.67 -12.64
C SER B 46 -6.67 -35.41 -12.44
N MET B 47 -5.58 -35.56 -11.70
CA MET B 47 -4.68 -34.44 -11.45
C MET B 47 -3.67 -34.31 -12.60
N PRO B 48 -3.38 -33.07 -13.03
CA PRO B 48 -2.52 -32.80 -14.19
C PRO B 48 -1.22 -33.60 -14.24
N PHE B 49 -0.52 -33.70 -13.11
CA PHE B 49 0.72 -34.47 -13.02
C PHE B 49 0.73 -35.36 -11.77
N GLY B 50 -0.46 -35.82 -11.39
CA GLY B 50 -0.59 -36.80 -10.33
C GLY B 50 -0.26 -36.29 -8.94
N LYS B 51 -0.39 -34.97 -8.74
CA LYS B 51 -0.09 -34.38 -7.44
C LYS B 51 -1.05 -33.24 -7.11
N THR B 52 -1.11 -32.89 -5.83
CA THR B 52 -1.92 -31.78 -5.34
C THR B 52 -0.98 -30.84 -4.58
N PRO B 53 -1.40 -29.60 -4.33
CA PRO B 53 -2.71 -28.97 -4.54
C PRO B 53 -3.09 -28.74 -6.00
N VAL B 54 -4.40 -28.83 -6.26
CA VAL B 54 -4.99 -28.44 -7.52
C VAL B 54 -6.12 -27.46 -7.22
N LEU B 55 -6.15 -26.35 -7.95
CA LEU B 55 -7.19 -25.35 -7.77
C LEU B 55 -7.96 -25.15 -9.06
N GLU B 56 -9.25 -25.48 -9.04
CA GLU B 56 -10.12 -25.24 -10.19
C GLU B 56 -10.61 -23.80 -10.17
N ILE B 57 -10.45 -23.12 -11.31
CA ILE B 57 -10.90 -21.73 -11.47
C ILE B 57 -11.83 -21.65 -12.66
N ASP B 58 -13.12 -21.43 -12.39
CA ASP B 58 -14.15 -21.49 -13.42
C ASP B 58 -14.02 -22.80 -14.21
N GLY B 59 -13.91 -23.91 -13.48
CA GLY B 59 -13.80 -25.21 -14.09
C GLY B 59 -12.39 -25.60 -14.50
N LYS B 60 -11.54 -24.60 -14.74
CA LYS B 60 -10.20 -24.83 -15.24
C LYS B 60 -9.23 -25.33 -14.17
N GLN B 61 -8.57 -26.45 -14.43
CA GLN B 61 -7.62 -27.02 -13.48
C GLN B 61 -6.28 -26.31 -13.49
N THR B 62 -5.80 -25.92 -12.32
CA THR B 62 -4.44 -25.40 -12.16
C THR B 62 -3.74 -26.17 -11.05
N HIS B 63 -2.42 -26.18 -11.09
CA HIS B 63 -1.62 -26.83 -10.05
C HIS B 63 -0.33 -26.06 -9.80
N GLN B 64 0.57 -26.64 -9.01
CA GLN B 64 1.81 -26.00 -8.57
C GLN B 64 1.54 -24.83 -7.63
N SER B 65 1.81 -25.06 -6.35
CA SER B 65 1.51 -24.10 -5.30
C SER B 65 2.12 -22.73 -5.57
N VAL B 66 3.38 -22.70 -5.99
CA VAL B 66 4.07 -21.43 -6.24
C VAL B 66 3.46 -20.70 -7.44
N ALA B 67 3.20 -21.42 -8.52
CA ALA B 67 2.64 -20.82 -9.73
C ALA B 67 1.27 -20.21 -9.45
N ILE B 68 0.42 -20.96 -8.76
CA ILE B 68 -0.92 -20.49 -8.41
C ILE B 68 -0.84 -19.26 -7.51
N SER B 69 0.04 -19.31 -6.51
CA SER B 69 0.21 -18.21 -5.56
C SER B 69 0.62 -16.93 -6.28
N ARG B 70 1.50 -17.04 -7.25
CA ARG B 70 1.94 -15.88 -8.03
C ARG B 70 0.77 -15.31 -8.82
N TYR B 71 -0.03 -16.19 -9.41
CA TYR B 71 -1.19 -15.78 -10.19
C TYR B 71 -2.20 -15.05 -9.32
N LEU B 72 -2.55 -15.64 -8.18
CA LEU B 72 -3.51 -15.04 -7.27
C LEU B 72 -2.99 -13.72 -6.71
N GLY B 73 -1.69 -13.67 -6.46
CA GLY B 73 -1.05 -12.45 -5.99
C GLY B 73 -1.26 -11.31 -6.95
N LYS B 74 -1.25 -11.62 -8.25
CA LYS B 74 -1.46 -10.61 -9.29
C LYS B 74 -2.92 -10.13 -9.30
N GLN B 75 -3.85 -11.03 -8.99
CA GLN B 75 -5.27 -10.69 -9.01
C GLN B 75 -5.67 -9.82 -7.83
N PHE B 76 -4.99 -10.02 -6.70
CA PHE B 76 -5.38 -9.39 -5.44
C PHE B 76 -4.42 -8.27 -5.03
N GLY B 77 -3.72 -7.71 -6.01
CA GLY B 77 -2.88 -6.55 -5.78
C GLY B 77 -1.70 -6.81 -4.86
N LEU B 78 -1.12 -7.99 -4.95
CA LEU B 78 -0.01 -8.39 -4.09
C LEU B 78 1.23 -8.81 -4.87
N SER B 79 1.56 -8.07 -5.92
CA SER B 79 2.74 -8.35 -6.72
C SER B 79 3.53 -7.07 -6.99
N GLY B 80 4.52 -7.16 -7.87
CA GLY B 80 5.41 -6.05 -8.11
C GLY B 80 4.80 -4.96 -8.97
N LYS B 81 5.30 -3.74 -8.80
CA LYS B 81 4.89 -2.61 -9.63
C LYS B 81 5.43 -2.78 -11.04
N ASP B 82 6.42 -3.63 -11.20
CA ASP B 82 7.08 -3.83 -12.48
C ASP B 82 7.80 -5.17 -12.53
N ASP B 83 8.53 -5.42 -13.60
CA ASP B 83 9.23 -6.69 -13.78
C ASP B 83 10.31 -6.93 -12.73
N TRP B 84 11.05 -5.89 -12.37
CA TRP B 84 12.12 -6.06 -11.41
C TRP B 84 11.60 -6.45 -10.03
N GLU B 85 10.53 -5.80 -9.58
CA GLU B 85 9.94 -6.14 -8.29
C GLU B 85 9.41 -7.57 -8.29
N ASN B 86 8.82 -7.99 -9.41
CA ASN B 86 8.34 -9.35 -9.53
C ASN B 86 9.49 -10.35 -9.53
N LEU B 87 10.63 -9.94 -10.09
CA LEU B 87 11.84 -10.76 -10.01
C LEU B 87 12.24 -10.91 -8.54
N GLU B 88 12.23 -9.81 -7.80
CA GLU B 88 12.58 -9.85 -6.38
C GLU B 88 11.69 -10.83 -5.62
N ILE B 89 10.39 -10.75 -5.86
CA ILE B 89 9.43 -11.64 -5.20
C ILE B 89 9.73 -13.09 -5.58
N ASP B 90 9.97 -13.33 -6.86
CA ASP B 90 10.17 -14.69 -7.35
C ASP B 90 11.45 -15.33 -6.81
N MET B 91 12.52 -14.55 -6.74
CA MET B 91 13.81 -15.07 -6.28
C MET B 91 13.72 -15.56 -4.84
N ILE B 92 13.06 -14.79 -3.98
CA ILE B 92 13.01 -15.12 -2.57
C ILE B 92 12.07 -16.32 -2.30
N VAL B 93 11.02 -16.47 -3.09
CA VAL B 93 10.12 -17.61 -2.93
C VAL B 93 10.79 -18.90 -3.40
N ASP B 94 11.53 -18.84 -4.50
CA ASP B 94 12.30 -19.98 -4.98
C ASP B 94 13.35 -20.39 -3.95
N THR B 95 13.83 -19.42 -3.17
CA THR B 95 14.78 -19.70 -2.11
C THR B 95 14.09 -20.42 -0.95
N ILE B 96 12.83 -20.05 -0.70
CA ILE B 96 12.03 -20.73 0.31
C ILE B 96 11.84 -22.19 -0.09
N SER B 97 11.70 -22.43 -1.39
CA SER B 97 11.54 -23.78 -1.91
C SER B 97 12.82 -24.59 -1.71
N ASP B 98 13.98 -23.97 -1.92
CA ASP B 98 15.25 -24.61 -1.66
C ASP B 98 15.38 -24.98 -0.19
N PHE B 99 14.98 -24.05 0.68
CA PHE B 99 15.00 -24.29 2.12
C PHE B 99 14.11 -25.48 2.46
N ARG B 100 12.89 -25.48 1.93
CA ARG B 100 11.94 -26.56 2.18
C ARG B 100 12.47 -27.89 1.66
N ALA B 101 13.11 -27.86 0.49
CA ALA B 101 13.66 -29.07 -0.11
C ALA B 101 14.75 -29.67 0.78
N ALA B 102 15.52 -28.82 1.44
CA ALA B 102 16.57 -29.28 2.33
C ALA B 102 15.98 -30.00 3.53
N ILE B 103 14.92 -29.42 4.09
CA ILE B 103 14.22 -30.04 5.21
C ILE B 103 13.48 -31.28 4.74
N ALA B 104 12.86 -31.19 3.56
CA ALA B 104 12.10 -32.30 3.00
C ALA B 104 13.00 -33.49 2.71
N ASN B 105 14.24 -33.21 2.32
CA ASN B 105 15.22 -34.24 2.03
C ASN B 105 15.39 -35.18 3.21
N TYR B 106 15.47 -34.59 4.40
CA TYR B 106 15.56 -35.38 5.62
C TYR B 106 14.22 -36.02 5.97
N HIS B 107 13.17 -35.22 6.01
CA HIS B 107 11.88 -35.62 6.55
C HIS B 107 11.30 -36.86 5.87
N TYR B 108 11.31 -36.88 4.54
CA TYR B 108 10.66 -37.94 3.78
C TYR B 108 11.58 -39.10 3.43
N ASP B 109 12.80 -39.09 3.95
CA ASP B 109 13.74 -40.18 3.69
C ASP B 109 13.22 -41.47 4.30
N ALA B 110 13.28 -42.55 3.53
CA ALA B 110 12.75 -43.83 3.98
C ALA B 110 13.80 -44.68 4.71
N ASP B 111 15.06 -44.46 4.39
CA ASP B 111 16.15 -45.21 5.02
C ASP B 111 16.59 -44.50 6.30
N GLU B 112 16.34 -45.14 7.43
CA GLU B 112 16.60 -44.54 8.75
C GLU B 112 18.08 -44.23 8.98
N ASN B 113 18.95 -44.94 8.27
CA ASN B 113 20.38 -44.70 8.39
C ASN B 113 20.77 -43.45 7.58
N SER B 114 20.25 -43.38 6.37
CA SER B 114 20.44 -42.21 5.53
C SER B 114 19.82 -40.98 6.17
N LYS B 115 18.63 -41.15 6.73
CA LYS B 115 17.88 -40.06 7.35
C LYS B 115 18.69 -39.39 8.47
N GLN B 116 19.29 -40.22 9.33
CA GLN B 116 20.02 -39.70 10.49
C GLN B 116 21.27 -38.94 10.09
N LYS B 117 21.88 -39.33 8.98
CA LYS B 117 23.12 -38.70 8.51
C LYS B 117 22.87 -37.26 8.03
N LYS B 118 21.63 -37.00 7.60
CA LYS B 118 21.26 -35.69 7.10
C LYS B 118 20.84 -34.75 8.23
N TRP B 119 20.65 -35.30 9.42
CA TRP B 119 20.06 -34.55 10.53
C TRP B 119 20.98 -33.46 11.08
N ASP B 120 22.25 -33.80 11.32
CA ASP B 120 23.17 -32.84 11.90
C ASP B 120 23.49 -31.68 10.97
N PRO B 121 23.86 -31.95 9.70
CA PRO B 121 24.07 -30.87 8.74
C PRO B 121 22.88 -29.91 8.66
N LEU B 122 21.69 -30.47 8.62
CA LEU B 122 20.46 -29.69 8.51
C LEU B 122 20.30 -28.76 9.72
N LYS B 123 20.51 -29.32 10.91
CA LYS B 123 20.31 -28.58 12.15
C LYS B 123 21.48 -27.66 12.49
N LYS B 124 22.69 -28.07 12.11
CA LYS B 124 23.89 -27.29 12.44
C LYS B 124 24.21 -26.21 11.40
N GLU B 125 23.90 -26.48 10.14
CA GLU B 125 24.30 -25.60 9.04
C GLU B 125 23.11 -25.00 8.30
N THR B 126 22.31 -25.86 7.68
CA THR B 126 21.21 -25.42 6.82
C THR B 126 20.22 -24.51 7.54
N ILE B 127 19.64 -25.00 8.64
CA ILE B 127 18.59 -24.25 9.33
C ILE B 127 19.07 -22.89 9.86
N PRO B 128 20.22 -22.86 10.53
CA PRO B 128 20.75 -21.56 10.99
C PRO B 128 21.03 -20.60 9.83
N TYR B 129 21.55 -21.11 8.73
CA TYR B 129 21.90 -20.25 7.60
C TYR B 129 20.67 -19.57 7.00
N TYR B 130 19.67 -20.36 6.64
CA TYR B 130 18.49 -19.81 5.98
C TYR B 130 17.66 -18.92 6.91
N THR B 131 17.41 -19.38 8.13
CA THR B 131 16.62 -18.60 9.09
C THR B 131 17.23 -17.22 9.32
N LYS B 132 18.53 -17.19 9.58
CA LYS B 132 19.26 -15.94 9.74
C LYS B 132 19.16 -15.11 8.48
N LYS B 133 19.41 -15.74 7.33
CA LYS B 133 19.41 -15.04 6.05
C LYS B 133 18.05 -14.45 5.70
N PHE B 134 16.98 -15.21 5.96
CA PHE B 134 15.63 -14.71 5.71
C PHE B 134 15.32 -13.53 6.62
N ASP B 135 15.85 -13.56 7.84
CA ASP B 135 15.64 -12.48 8.78
C ASP B 135 16.29 -11.20 8.27
N GLU B 136 17.48 -11.34 7.69
CA GLU B 136 18.17 -10.20 7.08
C GLU B 136 17.33 -9.57 5.97
N VAL B 137 16.77 -10.42 5.11
CA VAL B 137 15.98 -9.96 3.98
C VAL B 137 14.75 -9.19 4.45
N VAL B 138 14.09 -9.69 5.47
CA VAL B 138 12.88 -9.04 5.97
C VAL B 138 13.20 -7.68 6.57
N LYS B 139 14.28 -7.59 7.33
CA LYS B 139 14.72 -6.32 7.88
C LYS B 139 15.06 -5.35 6.75
N ALA B 140 15.65 -5.88 5.69
CA ALA B 140 16.10 -5.06 4.55
C ALA B 140 14.94 -4.44 3.79
N ASN B 141 13.75 -5.05 3.89
CA ASN B 141 12.57 -4.58 3.15
C ASN B 141 11.47 -4.04 4.07
N GLY B 142 11.86 -3.50 5.22
CA GLY B 142 10.90 -2.88 6.13
C GLY B 142 9.80 -3.81 6.59
N GLY B 143 10.16 -5.05 6.91
CA GLY B 143 9.22 -6.00 7.48
C GLY B 143 8.51 -6.91 6.48
N TYR B 144 9.06 -7.04 5.28
CA TYR B 144 8.50 -7.93 4.26
C TYR B 144 9.60 -8.69 3.53
N LEU B 145 9.23 -9.72 2.79
CA LEU B 145 10.21 -10.56 2.11
C LEU B 145 10.74 -9.96 0.80
N ALA B 146 9.98 -9.05 0.20
CA ALA B 146 10.43 -8.45 -1.06
C ALA B 146 9.72 -7.15 -1.41
N ALA B 147 10.41 -6.34 -2.21
CA ALA B 147 9.85 -5.11 -2.78
C ALA B 147 9.38 -4.11 -1.71
N GLY B 148 9.90 -4.25 -0.50
CA GLY B 148 9.60 -3.32 0.58
C GLY B 148 8.12 -3.17 0.85
N LYS B 149 7.36 -4.24 0.62
CA LYS B 149 5.90 -4.18 0.79
C LYS B 149 5.30 -5.59 0.89
N LEU B 150 4.01 -5.64 1.22
CA LEU B 150 3.28 -6.91 1.30
C LEU B 150 3.09 -7.51 -0.08
N THR B 151 3.59 -8.72 -0.27
CA THR B 151 3.42 -9.44 -1.54
C THR B 151 2.96 -10.87 -1.27
N TRP B 152 2.69 -11.62 -2.33
CA TRP B 152 2.22 -12.99 -2.18
C TRP B 152 3.30 -13.90 -1.57
N ALA B 153 4.55 -13.46 -1.62
CA ALA B 153 5.65 -14.21 -1.01
C ALA B 153 5.44 -14.35 0.49
N ASP B 154 4.98 -13.27 1.12
CA ASP B 154 4.76 -13.24 2.56
C ASP B 154 3.66 -14.25 2.94
N PHE B 155 2.57 -14.23 2.20
CA PHE B 155 1.48 -15.17 2.42
C PHE B 155 1.96 -16.60 2.24
N TYR B 156 2.77 -16.82 1.21
CA TYR B 156 3.28 -18.17 0.94
C TYR B 156 4.14 -18.66 2.09
N PHE B 157 5.13 -17.85 2.48
CA PHE B 157 6.05 -18.20 3.56
C PHE B 157 5.33 -18.47 4.87
N VAL B 158 4.48 -17.54 5.30
CA VAL B 158 3.77 -17.66 6.56
C VAL B 158 2.80 -18.85 6.53
N ALA B 159 2.24 -19.14 5.36
CA ALA B 159 1.26 -20.21 5.22
C ALA B 159 1.88 -21.61 5.36
N ILE B 160 3.11 -21.78 4.89
CA ILE B 160 3.77 -23.08 4.92
C ILE B 160 4.70 -23.24 6.12
N LEU B 161 4.77 -22.21 6.97
CA LEU B 161 5.75 -22.18 8.05
C LEU B 161 5.53 -23.30 9.07
N ASP B 162 4.28 -23.60 9.39
CA ASP B 162 3.99 -24.68 10.32
C ASP B 162 4.43 -26.02 9.75
N TYR B 163 4.26 -26.17 8.44
CA TYR B 163 4.70 -27.38 7.74
C TYR B 163 6.22 -27.53 7.84
N LEU B 164 6.94 -26.44 7.61
CA LEU B 164 8.40 -26.45 7.76
C LEU B 164 8.79 -26.76 9.20
N ASN B 165 8.12 -26.13 10.15
CA ASN B 165 8.39 -26.37 11.56
C ASN B 165 8.17 -27.83 11.93
N HIS B 166 7.12 -28.42 11.37
CA HIS B 166 6.78 -29.82 11.67
C HIS B 166 7.87 -30.77 11.19
N MET B 167 8.38 -30.54 9.99
CA MET B 167 9.41 -31.41 9.41
C MET B 167 10.76 -31.17 10.07
N ALA B 168 11.02 -29.93 10.47
CA ALA B 168 12.30 -29.55 11.05
C ALA B 168 12.35 -29.86 12.55
N LYS B 169 11.19 -30.15 13.14
CA LYS B 169 11.09 -30.45 14.56
C LYS B 169 11.57 -29.29 15.44
N GLU B 170 11.17 -28.07 15.08
CA GLU B 170 11.47 -26.90 15.90
C GLU B 170 10.68 -25.69 15.40
N ASP B 171 10.55 -24.68 16.25
CA ASP B 171 10.00 -23.40 15.83
C ASP B 171 11.13 -22.63 15.13
N LEU B 172 11.13 -22.69 13.81
CA LEU B 172 12.25 -22.20 13.00
C LEU B 172 12.52 -20.72 13.17
N VAL B 173 11.47 -19.94 13.44
N VAL B 173 11.47 -19.95 13.47
CA VAL B 173 11.58 -18.48 13.55
CA VAL B 173 11.57 -18.51 13.55
C VAL B 173 11.64 -18.03 15.01
C VAL B 173 11.73 -18.04 15.00
N ALA B 174 11.72 -18.98 15.93
CA ALA B 174 11.75 -18.68 17.37
C ALA B 174 12.82 -17.67 17.81
N ASN B 175 13.90 -17.55 17.03
CA ASN B 175 14.99 -16.63 17.37
C ASN B 175 15.24 -15.57 16.30
N GLN B 176 14.19 -15.26 15.54
CA GLN B 176 14.28 -14.30 14.45
C GLN B 176 13.09 -13.33 14.52
N PRO B 177 13.28 -12.18 15.20
CA PRO B 177 12.16 -11.26 15.49
C PRO B 177 11.52 -10.59 14.28
N ASN B 178 12.30 -10.22 13.27
CA ASN B 178 11.74 -9.61 12.06
C ASN B 178 10.82 -10.59 11.36
N LEU B 179 11.23 -11.85 11.34
CA LEU B 179 10.44 -12.92 10.76
C LEU B 179 9.18 -13.16 11.59
N LYS B 180 9.33 -13.20 12.92
CA LYS B 180 8.20 -13.34 13.82
C LYS B 180 7.18 -12.26 13.54
N ALA B 181 7.67 -11.03 13.37
CA ALA B 181 6.81 -9.89 13.11
C ALA B 181 6.10 -10.07 11.78
N LEU B 182 6.81 -10.60 10.79
CA LEU B 182 6.22 -10.86 9.48
C LEU B 182 5.06 -11.86 9.61
N ARG B 183 5.30 -12.94 10.34
CA ARG B 183 4.28 -13.95 10.57
C ARG B 183 3.02 -13.34 11.18
N GLU B 184 3.21 -12.64 12.29
CA GLU B 184 2.09 -12.10 13.03
C GLU B 184 1.42 -10.94 12.30
N LYS B 185 2.16 -10.30 11.39
CA LYS B 185 1.60 -9.25 10.56
C LYS B 185 0.59 -9.87 9.59
N VAL B 186 0.96 -10.96 8.96
CA VAL B 186 0.10 -11.65 8.01
C VAL B 186 -1.04 -12.35 8.73
N LEU B 187 -0.72 -13.09 9.79
CA LEU B 187 -1.72 -13.82 10.56
C LEU B 187 -2.77 -12.87 11.15
N GLY B 188 -2.41 -11.59 11.26
CA GLY B 188 -3.27 -10.60 11.86
C GLY B 188 -4.05 -9.73 10.87
N LEU B 189 -3.82 -9.93 9.57
CA LEU B 189 -4.61 -9.23 8.57
C LEU B 189 -6.07 -9.67 8.72
N PRO B 190 -7.01 -8.72 8.58
CA PRO B 190 -8.44 -9.00 8.84
C PRO B 190 -8.94 -10.29 8.19
N ALA B 191 -8.61 -10.49 6.91
CA ALA B 191 -9.03 -11.66 6.18
C ALA B 191 -8.39 -12.94 6.71
N ILE B 192 -7.08 -12.88 6.98
CA ILE B 192 -6.37 -14.05 7.47
C ILE B 192 -6.78 -14.40 8.89
N LYS B 193 -7.01 -13.39 9.72
CA LYS B 193 -7.43 -13.62 11.10
C LYS B 193 -8.74 -14.40 11.15
N ALA B 194 -9.70 -14.01 10.31
CA ALA B 194 -10.96 -14.73 10.22
C ALA B 194 -10.74 -16.15 9.73
N TRP B 195 -9.89 -16.30 8.71
CA TRP B 195 -9.61 -17.61 8.14
C TRP B 195 -8.93 -18.55 9.14
N VAL B 196 -7.89 -18.06 9.80
CA VAL B 196 -7.11 -18.88 10.71
C VAL B 196 -7.95 -19.39 11.88
N ALA B 197 -8.91 -18.58 12.34
CA ALA B 197 -9.79 -18.99 13.41
C ALA B 197 -10.74 -20.08 12.93
N LYS B 198 -11.10 -20.02 11.65
CA LYS B 198 -12.10 -20.93 11.09
C LYS B 198 -11.51 -22.26 10.60
N ARG B 199 -10.26 -22.22 10.14
CA ARG B 199 -9.65 -23.38 9.50
C ARG B 199 -9.52 -24.57 10.47
N PRO B 200 -9.53 -25.80 9.93
CA PRO B 200 -9.32 -26.99 10.78
C PRO B 200 -7.93 -26.98 11.40
N PRO B 201 -7.82 -27.39 12.69
CA PRO B 201 -6.48 -27.44 13.29
C PRO B 201 -5.68 -28.65 12.86
N THR B 202 -4.47 -28.42 12.34
CA THR B 202 -3.56 -29.50 11.99
C THR B 202 -2.12 -29.12 12.35
N ASP B 203 -1.27 -30.13 12.49
CA ASP B 203 0.10 -29.94 12.98
C ASP B 203 1.03 -29.43 11.89
N LEU B 204 0.61 -29.54 10.64
CA LEU B 204 1.42 -29.12 9.51
C LEU B 204 0.57 -28.50 8.41
N ALA C 2 23.30 -2.18 -23.64
CA ALA C 2 22.89 -1.11 -22.73
C ALA C 2 23.08 -1.51 -21.26
N PRO C 3 22.24 -2.43 -20.72
CA PRO C 3 22.61 -2.82 -19.36
C PRO C 3 23.78 -3.80 -19.39
N SER C 4 24.62 -3.76 -18.35
CA SER C 4 25.78 -4.64 -18.28
C SER C 4 25.42 -5.94 -17.57
N TYR C 5 25.61 -7.06 -18.25
CA TYR C 5 25.27 -8.38 -17.73
C TYR C 5 26.51 -9.17 -17.34
N LYS C 6 26.48 -9.77 -16.17
CA LYS C 6 27.54 -10.68 -15.73
C LYS C 6 26.94 -11.92 -15.08
N LEU C 7 27.19 -13.08 -15.68
CA LEU C 7 26.69 -14.35 -15.19
C LEU C 7 27.81 -15.13 -14.51
N THR C 8 27.57 -15.55 -13.27
CA THR C 8 28.51 -16.41 -12.56
C THR C 8 27.94 -17.82 -12.57
N TYR C 9 28.68 -18.77 -13.13
CA TYR C 9 28.11 -20.07 -13.48
C TYR C 9 27.87 -21.00 -12.29
N CYS C 10 27.01 -22.00 -12.52
CA CYS C 10 26.79 -23.09 -11.58
C CYS C 10 27.58 -24.30 -12.03
N PRO C 11 28.56 -24.72 -11.21
CA PRO C 11 29.37 -25.88 -11.60
C PRO C 11 28.56 -27.17 -11.63
N VAL C 12 28.95 -28.09 -12.50
CA VAL C 12 28.37 -29.43 -12.57
C VAL C 12 26.93 -29.47 -13.08
N LYS C 13 26.05 -28.70 -12.47
CA LYS C 13 24.62 -28.80 -12.75
C LYS C 13 24.18 -27.92 -13.93
N ALA C 14 24.93 -26.84 -14.17
CA ALA C 14 24.66 -25.94 -15.30
C ALA C 14 23.22 -25.40 -15.27
N LEU C 15 22.76 -25.01 -14.09
CA LEU C 15 21.42 -24.45 -13.94
C LEU C 15 21.34 -23.04 -14.53
N GLY C 16 22.48 -22.52 -15.00
CA GLY C 16 22.51 -21.22 -15.63
C GLY C 16 22.33 -21.28 -17.15
N GLU C 17 22.35 -22.49 -17.71
CA GLU C 17 22.25 -22.65 -19.16
C GLU C 17 20.97 -22.03 -19.74
N PRO C 18 19.84 -22.14 -19.02
CA PRO C 18 18.63 -21.46 -19.51
C PRO C 18 18.81 -19.95 -19.63
N ILE C 19 19.57 -19.35 -18.70
CA ILE C 19 19.83 -17.92 -18.73
C ILE C 19 20.64 -17.58 -19.98
N ARG C 20 21.64 -18.40 -20.27
CA ARG C 20 22.50 -18.19 -21.43
C ARG C 20 21.73 -18.33 -22.74
N PHE C 21 20.83 -19.30 -22.79
CA PHE C 21 19.95 -19.48 -23.94
C PHE C 21 19.16 -18.20 -24.18
N LEU C 22 18.63 -17.64 -23.10
CA LEU C 22 17.73 -16.49 -23.19
C LEU C 22 18.47 -15.20 -23.53
N LEU C 23 19.64 -14.99 -22.93
CA LEU C 23 20.42 -13.80 -23.23
C LEU C 23 20.94 -13.86 -24.66
N SER C 24 21.19 -15.06 -25.16
CA SER C 24 21.63 -15.24 -26.54
C SER C 24 20.49 -14.91 -27.50
N TYR C 25 19.33 -15.51 -27.26
CA TYR C 25 18.15 -15.24 -28.08
C TYR C 25 17.79 -13.75 -28.03
N GLY C 26 17.98 -13.15 -26.87
CA GLY C 26 17.71 -11.73 -26.69
C GLY C 26 18.82 -10.84 -27.21
N GLU C 27 19.87 -11.47 -27.76
CA GLU C 27 21.01 -10.75 -28.32
C GLU C 27 21.65 -9.79 -27.33
N LYS C 28 21.78 -10.23 -26.08
CA LYS C 28 22.47 -9.45 -25.06
C LYS C 28 23.88 -9.97 -24.83
N ASP C 29 24.85 -9.07 -24.92
CA ASP C 29 26.22 -9.38 -24.56
C ASP C 29 26.27 -9.59 -23.05
N PHE C 30 27.04 -10.59 -22.62
CA PHE C 30 27.17 -10.87 -21.20
C PHE C 30 28.48 -11.57 -20.93
N GLU C 31 29.12 -11.22 -19.82
CA GLU C 31 30.30 -11.92 -19.37
C GLU C 31 29.88 -13.26 -18.79
N ASP C 32 30.44 -14.33 -19.34
CA ASP C 32 30.12 -15.68 -18.91
C ASP C 32 31.19 -16.16 -17.95
N TYR C 33 31.13 -15.65 -16.72
CA TYR C 33 32.19 -15.90 -15.74
C TYR C 33 32.08 -17.28 -15.10
N ARG C 34 33.10 -18.09 -15.33
CA ARG C 34 33.20 -19.40 -14.72
C ARG C 34 34.40 -19.43 -13.78
N PHE C 35 34.14 -19.37 -12.49
CA PHE C 35 35.19 -19.25 -11.50
C PHE C 35 36.03 -20.53 -11.36
N GLN C 36 37.25 -20.37 -10.88
CA GLN C 36 38.12 -21.51 -10.59
C GLN C 36 37.55 -22.25 -9.38
N GLU C 37 37.77 -23.56 -9.33
CA GLU C 37 37.28 -24.38 -8.22
C GLU C 37 37.74 -23.83 -6.87
N GLY C 38 38.97 -23.33 -6.83
CA GLY C 38 39.53 -22.80 -5.60
C GLY C 38 39.06 -21.41 -5.27
N ASP C 39 38.29 -20.79 -6.16
CA ASP C 39 37.76 -19.45 -5.95
C ASP C 39 36.43 -19.47 -5.21
N TRP C 40 35.72 -20.59 -5.28
CA TRP C 40 34.35 -20.65 -4.76
C TRP C 40 34.21 -20.33 -3.27
N PRO C 41 35.13 -20.84 -2.43
CA PRO C 41 35.05 -20.50 -1.00
C PRO C 41 35.02 -18.99 -0.75
N ASN C 42 35.81 -18.24 -1.50
CA ASN C 42 35.88 -16.80 -1.35
C ASN C 42 34.72 -16.06 -2.03
N LEU C 43 34.13 -16.69 -3.04
CA LEU C 43 33.03 -16.08 -3.77
C LEU C 43 31.69 -16.25 -3.04
N LYS C 44 31.48 -17.45 -2.49
CA LYS C 44 30.21 -17.83 -1.88
C LYS C 44 29.58 -16.76 -0.97
N PRO C 45 30.35 -16.22 -0.01
CA PRO C 45 29.73 -15.24 0.89
C PRO C 45 29.22 -13.96 0.21
N SER C 46 29.73 -13.64 -0.97
CA SER C 46 29.27 -12.46 -1.71
C SER C 46 28.03 -12.76 -2.55
N MET C 47 27.61 -14.02 -2.58
CA MET C 47 26.39 -14.41 -3.28
C MET C 47 25.20 -14.22 -2.35
N PRO C 48 24.01 -13.94 -2.92
CA PRO C 48 22.82 -13.66 -2.10
C PRO C 48 22.47 -14.74 -1.08
N PHE C 49 22.45 -16.00 -1.51
CA PHE C 49 22.16 -17.13 -0.61
C PHE C 49 23.23 -18.21 -0.76
N GLY C 50 24.46 -17.77 -1.03
CA GLY C 50 25.59 -18.67 -1.10
C GLY C 50 25.50 -19.70 -2.22
N LYS C 51 24.74 -19.38 -3.25
CA LYS C 51 24.60 -20.28 -4.40
C LYS C 51 24.59 -19.54 -5.74
N THR C 52 24.94 -20.26 -6.78
CA THR C 52 24.87 -19.78 -8.15
C THR C 52 23.85 -20.68 -8.88
N PRO C 53 23.41 -20.28 -10.08
CA PRO C 53 23.81 -19.12 -10.87
C PRO C 53 23.42 -17.79 -10.26
N VAL C 54 24.24 -16.78 -10.53
CA VAL C 54 23.94 -15.40 -10.20
C VAL C 54 24.09 -14.59 -11.46
N LEU C 55 23.13 -13.68 -11.69
CA LEU C 55 23.19 -12.79 -12.85
C LEU C 55 23.21 -11.35 -12.39
N GLU C 56 24.32 -10.67 -12.66
CA GLU C 56 24.50 -9.30 -12.23
C GLU C 56 24.13 -8.35 -13.36
N ILE C 57 23.25 -7.41 -13.05
CA ILE C 57 22.73 -6.45 -14.02
C ILE C 57 23.02 -5.03 -13.53
N ASP C 58 24.05 -4.41 -14.11
CA ASP C 58 24.49 -3.08 -13.70
C ASP C 58 24.74 -3.02 -12.19
N GLY C 59 25.42 -4.05 -11.68
CA GLY C 59 25.78 -4.09 -10.28
C GLY C 59 24.69 -4.66 -9.38
N LYS C 60 23.51 -4.91 -9.94
CA LYS C 60 22.40 -5.46 -9.18
C LYS C 60 22.39 -6.98 -9.31
N GLN C 61 22.63 -7.66 -8.19
CA GLN C 61 22.77 -9.11 -8.18
C GLN C 61 21.41 -9.80 -8.10
N THR C 62 21.21 -10.79 -8.97
CA THR C 62 20.01 -11.61 -8.96
C THR C 62 20.43 -13.08 -8.91
N HIS C 63 19.53 -13.94 -8.45
CA HIS C 63 19.80 -15.37 -8.40
C HIS C 63 18.54 -16.17 -8.67
N GLN C 64 18.61 -17.48 -8.47
CA GLN C 64 17.52 -18.42 -8.78
C GLN C 64 17.26 -18.50 -10.29
N SER C 65 17.69 -19.62 -10.87
CA SER C 65 17.67 -19.81 -12.32
C SER C 65 16.28 -19.62 -12.95
N VAL C 66 15.25 -20.14 -12.28
CA VAL C 66 13.89 -20.06 -12.82
C VAL C 66 13.35 -18.63 -12.73
N ALA C 67 13.58 -17.98 -11.58
CA ALA C 67 13.14 -16.60 -11.39
C ALA C 67 13.73 -15.69 -12.45
N ILE C 68 15.04 -15.83 -12.66
CA ILE C 68 15.75 -15.03 -13.66
C ILE C 68 15.26 -15.35 -15.06
N SER C 69 14.98 -16.63 -15.33
CA SER C 69 14.51 -17.04 -16.65
C SER C 69 13.14 -16.45 -16.96
N ARG C 70 12.27 -16.38 -15.96
CA ARG C 70 10.96 -15.76 -16.13
C ARG C 70 11.13 -14.27 -16.40
N TYR C 71 12.04 -13.64 -15.67
CA TYR C 71 12.30 -12.22 -15.85
C TYR C 71 12.78 -11.94 -17.27
N LEU C 72 13.81 -12.67 -17.71
CA LEU C 72 14.37 -12.47 -19.05
C LEU C 72 13.36 -12.86 -20.13
N GLY C 73 12.49 -13.82 -19.82
CA GLY C 73 11.46 -14.26 -20.74
C GLY C 73 10.53 -13.12 -21.13
N LYS C 74 10.10 -12.36 -20.13
CA LYS C 74 9.22 -11.22 -20.36
C LYS C 74 9.92 -10.15 -21.18
N GLN C 75 11.18 -9.86 -20.83
CA GLN C 75 11.93 -8.79 -21.49
C GLN C 75 12.18 -9.08 -22.97
N PHE C 76 12.32 -10.36 -23.30
CA PHE C 76 12.65 -10.77 -24.66
C PHE C 76 11.43 -11.25 -25.45
N GLY C 77 10.24 -10.95 -24.94
CA GLY C 77 9.01 -11.30 -25.64
C GLY C 77 8.75 -12.78 -25.70
N LEU C 78 8.89 -13.45 -24.55
CA LEU C 78 8.71 -14.91 -24.49
C LEU C 78 7.88 -15.32 -23.28
N SER C 79 6.89 -14.50 -22.94
CA SER C 79 5.99 -14.79 -21.83
C SER C 79 4.54 -14.77 -22.30
N GLY C 80 3.61 -14.95 -21.36
CA GLY C 80 2.20 -15.01 -21.69
C GLY C 80 1.66 -13.66 -22.13
N LYS C 81 0.50 -13.68 -22.79
CA LYS C 81 -0.14 -12.44 -23.23
C LYS C 81 -1.00 -11.87 -22.10
N ASP C 82 -1.34 -12.72 -21.13
CA ASP C 82 -2.12 -12.31 -19.98
C ASP C 82 -1.70 -13.09 -18.75
N ASP C 83 -2.38 -12.85 -17.63
CA ASP C 83 -2.04 -13.52 -16.38
C ASP C 83 -2.23 -15.03 -16.48
N TRP C 84 -3.23 -15.46 -17.23
CA TRP C 84 -3.51 -16.89 -17.33
C TRP C 84 -2.43 -17.63 -18.13
N GLU C 85 -1.99 -17.04 -19.24
CA GLU C 85 -0.96 -17.66 -20.05
C GLU C 85 0.35 -17.77 -19.27
N ASN C 86 0.61 -16.79 -18.41
CA ASN C 86 1.82 -16.82 -17.59
C ASN C 86 1.72 -17.88 -16.51
N LEU C 87 0.51 -18.11 -16.00
CA LEU C 87 0.28 -19.19 -15.05
C LEU C 87 0.58 -20.53 -15.72
N GLU C 88 0.04 -20.73 -16.93
CA GLU C 88 0.30 -21.94 -17.70
C GLU C 88 1.80 -22.17 -17.85
N ILE C 89 2.54 -21.12 -18.18
CA ILE C 89 3.99 -21.21 -18.31
C ILE C 89 4.62 -21.56 -16.96
N ASP C 90 4.20 -20.88 -15.91
CA ASP C 90 4.77 -21.11 -14.58
C ASP C 90 4.49 -22.53 -14.09
N MET C 91 3.28 -23.02 -14.35
CA MET C 91 2.89 -24.35 -13.90
C MET C 91 3.75 -25.44 -14.52
N ILE C 92 4.01 -25.33 -15.83
CA ILE C 92 4.76 -26.37 -16.52
C ILE C 92 6.24 -26.36 -16.13
N VAL C 93 6.81 -25.18 -15.91
CA VAL C 93 8.21 -25.09 -15.50
C VAL C 93 8.45 -25.67 -14.10
N ASP C 94 7.59 -25.32 -13.15
CA ASP C 94 7.71 -25.87 -11.81
C ASP C 94 7.55 -27.39 -11.82
N THR C 95 6.80 -27.89 -12.80
CA THR C 95 6.64 -29.33 -12.98
C THR C 95 7.91 -29.95 -13.54
N ILE C 96 8.63 -29.21 -14.37
CA ILE C 96 9.94 -29.66 -14.85
C ILE C 96 10.90 -29.73 -13.67
N SER C 97 10.79 -28.79 -12.75
CA SER C 97 11.63 -28.78 -11.55
C SER C 97 11.34 -29.98 -10.68
N ASP C 98 10.07 -30.37 -10.57
CA ASP C 98 9.69 -31.56 -9.84
C ASP C 98 10.32 -32.79 -10.48
N PHE C 99 10.26 -32.85 -11.81
CA PHE C 99 10.86 -33.94 -12.57
C PHE C 99 12.37 -33.98 -12.34
N ARG C 100 13.02 -32.82 -12.39
CA ARG C 100 14.45 -32.73 -12.12
C ARG C 100 14.78 -33.22 -10.72
N ALA C 101 13.96 -32.83 -9.75
CA ALA C 101 14.19 -33.20 -8.36
C ALA C 101 14.13 -34.72 -8.18
N ALA C 102 13.21 -35.36 -8.88
CA ALA C 102 13.05 -36.81 -8.80
C ALA C 102 14.29 -37.51 -9.36
N ILE C 103 14.84 -36.98 -10.44
CA ILE C 103 16.05 -37.54 -11.04
C ILE C 103 17.26 -37.26 -10.14
N ALA C 104 17.33 -36.05 -9.60
CA ALA C 104 18.42 -35.67 -8.71
C ALA C 104 18.42 -36.52 -7.46
N ASN C 105 17.23 -36.88 -6.99
CA ASN C 105 17.07 -37.70 -5.79
C ASN C 105 17.85 -39.00 -5.89
N TYR C 106 17.93 -39.54 -7.11
CA TYR C 106 18.72 -40.73 -7.36
C TYR C 106 20.20 -40.38 -7.60
N HIS C 107 20.43 -39.35 -8.40
CA HIS C 107 21.77 -39.04 -8.89
C HIS C 107 22.74 -38.66 -7.78
N TYR C 108 22.29 -37.82 -6.85
CA TYR C 108 23.15 -37.29 -5.80
C TYR C 108 23.07 -38.11 -4.51
N ASP C 109 22.40 -39.25 -4.58
CA ASP C 109 22.35 -40.16 -3.43
C ASP C 109 23.74 -40.74 -3.19
N ALA C 110 24.26 -40.53 -1.98
CA ALA C 110 25.64 -40.91 -1.65
C ALA C 110 25.70 -42.19 -0.83
N ASP C 111 24.74 -43.07 -1.03
CA ASP C 111 24.73 -44.39 -0.42
C ASP C 111 24.40 -45.42 -1.48
N GLU C 112 25.38 -46.27 -1.78
CA GLU C 112 25.28 -47.23 -2.89
C GLU C 112 24.02 -48.09 -2.87
N ASN C 113 23.57 -48.46 -1.67
CA ASN C 113 22.39 -49.29 -1.53
C ASN C 113 21.10 -48.47 -1.64
N SER C 114 21.08 -47.32 -0.98
CA SER C 114 19.94 -46.42 -1.04
C SER C 114 19.73 -45.93 -2.48
N LYS C 115 20.83 -45.76 -3.19
CA LYS C 115 20.78 -45.26 -4.57
C LYS C 115 20.32 -46.33 -5.53
N GLN C 116 20.84 -47.55 -5.36
CA GLN C 116 20.49 -48.67 -6.23
C GLN C 116 19.01 -49.02 -6.13
N LYS C 117 18.37 -48.60 -5.05
CA LYS C 117 16.96 -48.93 -4.81
C LYS C 117 16.02 -47.91 -5.45
N LYS C 118 16.52 -46.71 -5.72
CA LYS C 118 15.73 -45.67 -6.36
C LYS C 118 15.84 -45.76 -7.88
N TRP C 119 16.74 -46.61 -8.36
CA TRP C 119 17.05 -46.70 -9.78
C TRP C 119 15.89 -47.25 -10.61
N ASP C 120 15.43 -48.45 -10.26
CA ASP C 120 14.38 -49.12 -11.02
C ASP C 120 13.09 -48.30 -11.08
N PRO C 121 12.61 -47.82 -9.93
CA PRO C 121 11.38 -47.02 -9.92
C PRO C 121 11.52 -45.73 -10.74
N LEU C 122 12.72 -45.14 -10.73
CA LEU C 122 12.99 -43.95 -11.52
C LEU C 122 12.85 -44.27 -13.00
N LYS C 123 13.51 -45.34 -13.43
CA LYS C 123 13.56 -45.72 -14.83
C LYS C 123 12.26 -46.31 -15.34
N LYS C 124 11.56 -47.04 -14.47
CA LYS C 124 10.38 -47.82 -14.88
C LYS C 124 9.06 -47.08 -14.70
N GLU C 125 9.04 -46.09 -13.80
CA GLU C 125 7.80 -45.38 -13.47
C GLU C 125 7.90 -43.86 -13.67
N THR C 126 8.82 -43.23 -12.94
CA THR C 126 8.94 -41.77 -12.95
C THR C 126 9.22 -41.22 -14.34
N ILE C 127 10.29 -41.72 -14.97
CA ILE C 127 10.74 -41.18 -16.25
C ILE C 127 9.69 -41.37 -17.35
N PRO C 128 9.17 -42.60 -17.53
CA PRO C 128 8.09 -42.78 -18.50
C PRO C 128 6.86 -41.93 -18.21
N TYR C 129 6.57 -41.70 -16.93
CA TYR C 129 5.39 -40.92 -16.56
C TYR C 129 5.51 -39.46 -16.97
N TYR C 130 6.60 -38.80 -16.56
CA TYR C 130 6.77 -37.39 -16.84
C TYR C 130 6.99 -37.09 -18.33
N THR C 131 7.77 -37.93 -19.00
CA THR C 131 8.08 -37.69 -20.41
C THR C 131 6.84 -37.80 -21.30
N LYS C 132 5.97 -38.75 -21.01
CA LYS C 132 4.74 -38.90 -21.80
C LYS C 132 3.79 -37.74 -21.54
N LYS C 133 3.60 -37.40 -20.27
CA LYS C 133 2.72 -36.29 -19.89
C LYS C 133 3.21 -34.99 -20.53
N PHE C 134 4.51 -34.75 -20.48
CA PHE C 134 5.10 -33.58 -21.11
C PHE C 134 4.87 -33.63 -22.63
N ASP C 135 5.06 -34.80 -23.23
CA ASP C 135 4.84 -34.96 -24.67
C ASP C 135 3.38 -34.69 -25.03
N GLU C 136 2.47 -35.09 -24.15
CA GLU C 136 1.04 -34.84 -24.35
C GLU C 136 0.77 -33.34 -24.30
N VAL C 137 1.38 -32.64 -23.33
CA VAL C 137 1.19 -31.20 -23.20
C VAL C 137 1.68 -30.48 -24.45
N VAL C 138 2.83 -30.89 -24.96
CA VAL C 138 3.43 -30.23 -26.12
C VAL C 138 2.55 -30.40 -27.35
N LYS C 139 2.00 -31.60 -27.54
CA LYS C 139 1.10 -31.85 -28.66
C LYS C 139 -0.17 -31.02 -28.52
N ALA C 140 -0.67 -30.90 -27.29
CA ALA C 140 -1.91 -30.17 -27.03
C ALA C 140 -1.73 -28.66 -27.21
N ASN C 141 -0.49 -28.19 -27.07
CA ASN C 141 -0.19 -26.77 -27.19
C ASN C 141 0.59 -26.43 -28.46
N GLY C 142 0.24 -27.09 -29.55
CA GLY C 142 0.73 -26.72 -30.87
C GLY C 142 2.22 -26.83 -31.07
N GLY C 143 2.88 -27.68 -30.29
CA GLY C 143 4.32 -27.90 -30.43
C GLY C 143 5.15 -27.12 -29.43
N TYR C 144 4.48 -26.56 -28.42
CA TYR C 144 5.18 -25.84 -27.35
C TYR C 144 4.64 -26.29 -26.00
N LEU C 145 5.38 -25.99 -24.94
CA LEU C 145 5.02 -26.44 -23.60
C LEU C 145 3.83 -25.66 -23.04
N ALA C 146 3.59 -24.44 -23.56
CA ALA C 146 2.55 -23.58 -23.01
C ALA C 146 2.11 -22.48 -23.98
N ALA C 147 0.85 -22.10 -23.86
CA ALA C 147 0.29 -20.91 -24.53
C ALA C 147 0.32 -20.98 -26.06
N GLY C 148 0.54 -22.17 -26.61
CA GLY C 148 0.50 -22.35 -28.05
C GLY C 148 1.55 -21.54 -28.79
N LYS C 149 2.60 -21.15 -28.08
CA LYS C 149 3.68 -20.37 -28.67
C LYS C 149 5.00 -20.59 -27.95
N LEU C 150 6.08 -20.16 -28.58
CA LEU C 150 7.40 -20.22 -27.98
C LEU C 150 7.45 -19.32 -26.75
N THR C 151 7.77 -19.90 -25.59
CA THR C 151 7.94 -19.14 -24.36
C THR C 151 9.23 -19.52 -23.68
N TRP C 152 9.53 -18.87 -22.55
CA TRP C 152 10.78 -19.12 -21.84
C TRP C 152 10.81 -20.52 -21.22
N ALA C 153 9.64 -21.15 -21.11
CA ALA C 153 9.57 -22.52 -20.63
C ALA C 153 10.25 -23.48 -21.60
N ASP C 154 10.03 -23.26 -22.89
CA ASP C 154 10.63 -24.10 -23.93
C ASP C 154 12.15 -23.97 -23.89
N PHE C 155 12.62 -22.74 -23.71
CA PHE C 155 14.06 -22.50 -23.59
C PHE C 155 14.61 -23.15 -22.32
N TYR C 156 13.87 -23.00 -21.23
CA TYR C 156 14.31 -23.59 -19.97
C TYR C 156 14.43 -25.10 -20.12
N PHE C 157 13.36 -25.73 -20.58
CA PHE C 157 13.31 -27.19 -20.72
C PHE C 157 14.46 -27.74 -21.58
N VAL C 158 14.63 -27.18 -22.77
CA VAL C 158 15.65 -27.67 -23.70
C VAL C 158 17.06 -27.41 -23.17
N ALA C 159 17.25 -26.31 -22.47
CA ALA C 159 18.57 -25.92 -21.96
C ALA C 159 19.10 -26.85 -20.87
N ILE C 160 18.20 -27.37 -20.03
CA ILE C 160 18.59 -28.27 -18.93
C ILE C 160 18.50 -29.74 -19.32
N LEU C 161 18.02 -30.01 -20.53
CA LEU C 161 17.75 -31.37 -20.96
C LEU C 161 19.02 -32.25 -20.99
N ASP C 162 20.15 -31.66 -21.36
CA ASP C 162 21.41 -32.39 -21.37
C ASP C 162 21.81 -32.82 -19.96
N TYR C 163 21.63 -31.91 -19.00
CA TYR C 163 21.93 -32.19 -17.61
C TYR C 163 20.97 -33.25 -17.07
N LEU C 164 19.73 -33.23 -17.53
CA LEU C 164 18.75 -34.23 -17.13
C LEU C 164 19.08 -35.58 -17.76
N ASN C 165 19.38 -35.58 -19.05
CA ASN C 165 19.76 -36.80 -19.76
C ASN C 165 20.95 -37.47 -19.10
N HIS C 166 21.91 -36.65 -18.68
CA HIS C 166 23.13 -37.13 -18.06
C HIS C 166 22.83 -37.88 -16.77
N MET C 167 21.99 -37.29 -15.92
CA MET C 167 21.64 -37.90 -14.64
C MET C 167 20.79 -39.15 -14.84
N ALA C 168 19.93 -39.13 -15.84
CA ALA C 168 19.01 -40.23 -16.10
C ALA C 168 19.66 -41.33 -16.94
N LYS C 169 20.85 -41.05 -17.45
CA LYS C 169 21.58 -41.99 -18.29
C LYS C 169 20.74 -42.43 -19.50
N GLU C 170 20.08 -41.47 -20.12
CA GLU C 170 19.33 -41.73 -21.35
C GLU C 170 18.93 -40.43 -22.03
N ASP C 171 18.70 -40.50 -23.33
CA ASP C 171 18.09 -39.39 -24.05
C ASP C 171 16.60 -39.38 -23.71
N LEU C 172 16.20 -38.49 -22.82
CA LEU C 172 14.87 -38.52 -22.24
C LEU C 172 13.74 -38.29 -23.25
N VAL C 173 14.04 -37.61 -24.35
CA VAL C 173 13.02 -37.29 -25.36
C VAL C 173 13.09 -38.21 -26.58
N ALA C 174 13.90 -39.26 -26.49
CA ALA C 174 14.15 -40.16 -27.61
C ALA C 174 12.86 -40.73 -28.21
N ASN C 175 11.94 -41.15 -27.35
CA ASN C 175 10.71 -41.83 -27.78
C ASN C 175 9.48 -40.96 -27.61
N GLN C 176 9.68 -39.65 -27.64
CA GLN C 176 8.59 -38.69 -27.50
C GLN C 176 8.67 -37.68 -28.65
N PRO C 177 7.99 -37.98 -29.78
CA PRO C 177 8.17 -37.19 -31.00
C PRO C 177 7.90 -35.70 -30.85
N ASN C 178 6.96 -35.32 -29.99
CA ASN C 178 6.64 -33.92 -29.79
C ASN C 178 7.73 -33.21 -28.97
N LEU C 179 8.29 -33.90 -27.99
CA LEU C 179 9.40 -33.36 -27.22
C LEU C 179 10.65 -33.29 -28.10
N LYS C 180 10.83 -34.30 -28.94
CA LYS C 180 11.96 -34.34 -29.85
C LYS C 180 11.90 -33.16 -30.82
N ALA C 181 10.70 -32.88 -31.31
CA ALA C 181 10.50 -31.77 -32.24
C ALA C 181 10.65 -30.42 -31.54
N LEU C 182 10.33 -30.36 -30.26
CA LEU C 182 10.48 -29.13 -29.49
C LEU C 182 11.96 -28.80 -29.31
N ARG C 183 12.77 -29.84 -29.09
CA ARG C 183 14.21 -29.65 -28.99
C ARG C 183 14.77 -29.08 -30.30
N GLU C 184 14.31 -29.62 -31.42
CA GLU C 184 14.73 -29.12 -32.73
C GLU C 184 14.32 -27.66 -32.91
N LYS C 185 13.12 -27.30 -32.46
CA LYS C 185 12.64 -25.93 -32.55
C LYS C 185 13.59 -24.97 -31.85
N VAL C 186 13.94 -25.27 -30.61
CA VAL C 186 14.75 -24.37 -29.80
C VAL C 186 16.22 -24.37 -30.23
N LEU C 187 16.82 -25.55 -30.35
CA LEU C 187 18.22 -25.65 -30.74
C LEU C 187 18.45 -25.16 -32.16
N GLY C 188 17.37 -25.09 -32.94
CA GLY C 188 17.46 -24.66 -34.33
C GLY C 188 17.37 -23.17 -34.50
N LEU C 189 17.05 -22.45 -33.43
CA LEU C 189 17.04 -20.99 -33.46
C LEU C 189 18.49 -20.55 -33.65
N PRO C 190 18.75 -19.67 -34.64
CA PRO C 190 20.14 -19.34 -34.99
C PRO C 190 20.97 -18.84 -33.80
N ALA C 191 20.38 -18.00 -32.95
CA ALA C 191 21.10 -17.49 -31.79
C ALA C 191 21.49 -18.62 -30.85
N ILE C 192 20.61 -19.63 -30.76
CA ILE C 192 20.83 -20.76 -29.87
C ILE C 192 21.81 -21.75 -30.48
N LYS C 193 21.62 -22.08 -31.76
CA LYS C 193 22.53 -22.97 -32.46
C LYS C 193 23.95 -22.41 -32.39
N ALA C 194 24.05 -21.09 -32.46
CA ALA C 194 25.33 -20.41 -32.35
C ALA C 194 25.92 -20.55 -30.95
N TRP C 195 25.09 -20.35 -29.91
CA TRP C 195 25.59 -20.47 -28.55
C TRP C 195 26.04 -21.90 -28.24
N VAL C 196 25.28 -22.88 -28.71
CA VAL C 196 25.59 -24.28 -28.43
C VAL C 196 26.93 -24.69 -29.05
N ALA C 197 27.22 -24.15 -30.24
CA ALA C 197 28.47 -24.46 -30.92
C ALA C 197 29.64 -23.80 -30.21
N LYS C 198 29.39 -22.63 -29.62
CA LYS C 198 30.43 -21.84 -28.98
C LYS C 198 30.72 -22.31 -27.55
N ARG C 199 29.69 -22.75 -26.84
CA ARG C 199 29.80 -22.98 -25.40
C ARG C 199 30.85 -24.03 -25.05
N PRO C 200 31.48 -23.89 -23.86
CA PRO C 200 32.43 -24.90 -23.36
C PRO C 200 31.79 -26.28 -23.28
N PRO C 201 32.39 -27.29 -23.93
CA PRO C 201 31.80 -28.63 -23.84
C PRO C 201 31.91 -29.20 -22.43
N THR C 202 30.78 -29.60 -21.85
CA THR C 202 30.75 -30.09 -20.47
C THR C 202 29.71 -31.20 -20.31
N ASP C 203 29.53 -31.65 -19.07
CA ASP C 203 28.57 -32.70 -18.74
C ASP C 203 27.74 -32.29 -17.52
N PRO D 3 -24.05 -8.14 45.32
CA PRO D 3 -23.80 -7.12 46.33
C PRO D 3 -24.70 -5.89 46.17
N SER D 4 -24.46 -4.86 46.99
CA SER D 4 -25.21 -3.62 46.91
C SER D 4 -24.55 -2.67 45.91
N TYR D 5 -25.22 -2.47 44.78
CA TYR D 5 -24.73 -1.55 43.75
C TYR D 5 -25.55 -0.27 43.73
N LYS D 6 -24.86 0.87 43.72
CA LYS D 6 -25.51 2.16 43.52
C LYS D 6 -24.72 2.97 42.51
N LEU D 7 -25.35 3.29 41.38
CA LEU D 7 -24.74 4.12 40.35
C LEU D 7 -25.19 5.57 40.50
N THR D 8 -24.23 6.47 40.40
CA THR D 8 -24.51 7.90 40.38
C THR D 8 -23.96 8.47 39.08
N TYR D 9 -24.83 9.14 38.33
CA TYR D 9 -24.43 9.73 37.05
C TYR D 9 -25.50 10.71 36.58
N CYS D 10 -25.17 11.47 35.54
CA CYS D 10 -26.12 12.33 34.84
C CYS D 10 -27.40 11.56 34.50
N PRO D 11 -28.50 12.29 34.30
CA PRO D 11 -29.75 11.66 33.83
C PRO D 11 -29.74 11.38 32.32
N VAL D 12 -28.62 10.87 31.82
CA VAL D 12 -28.51 10.46 30.42
C VAL D 12 -27.76 9.13 30.35
N LYS D 13 -27.60 8.62 29.13
CA LYS D 13 -26.85 7.38 28.94
C LYS D 13 -25.36 7.65 29.04
N ALA D 14 -24.79 8.19 27.96
CA ALA D 14 -23.38 8.59 27.91
C ALA D 14 -22.44 7.61 28.62
N LEU D 15 -21.65 8.09 29.58
CA LEU D 15 -20.61 7.27 30.19
C LEU D 15 -21.13 6.33 31.27
N GLY D 16 -22.39 6.50 31.65
CA GLY D 16 -23.00 5.65 32.67
C GLY D 16 -23.60 4.39 32.07
N GLU D 17 -23.97 4.46 30.79
CA GLU D 17 -24.71 3.38 30.14
C GLU D 17 -23.97 2.05 30.08
N PRO D 18 -22.66 2.06 29.79
CA PRO D 18 -21.92 0.80 29.79
C PRO D 18 -22.05 0.05 31.11
N ILE D 19 -22.10 0.80 32.21
CA ILE D 19 -22.20 0.21 33.54
C ILE D 19 -23.60 -0.36 33.75
N ARG D 20 -24.60 0.37 33.28
CA ARG D 20 -25.98 -0.09 33.38
C ARG D 20 -26.20 -1.32 32.49
N PHE D 21 -25.59 -1.32 31.31
CA PHE D 21 -25.64 -2.48 30.42
C PHE D 21 -25.04 -3.71 31.10
N LEU D 22 -23.88 -3.52 31.72
CA LEU D 22 -23.13 -4.64 32.28
C LEU D 22 -23.78 -5.21 33.55
N LEU D 23 -24.22 -4.33 34.44
CA LEU D 23 -24.91 -4.77 35.64
C LEU D 23 -26.21 -5.50 35.27
N SER D 24 -26.86 -5.03 34.20
CA SER D 24 -28.06 -5.70 33.70
C SER D 24 -27.73 -7.09 33.21
N TYR D 25 -26.71 -7.20 32.36
CA TYR D 25 -26.28 -8.49 31.82
C TYR D 25 -25.90 -9.45 32.93
N GLY D 26 -25.33 -8.91 34.00
CA GLY D 26 -24.94 -9.72 35.15
C GLY D 26 -26.13 -10.03 36.05
N GLU D 27 -27.30 -9.54 35.66
CA GLU D 27 -28.53 -9.74 36.41
C GLU D 27 -28.39 -9.27 37.86
N LYS D 28 -27.74 -8.12 38.04
CA LYS D 28 -27.54 -7.55 39.36
C LYS D 28 -28.45 -6.35 39.56
N ASP D 29 -29.13 -6.31 40.71
CA ASP D 29 -29.95 -5.18 41.08
C ASP D 29 -29.03 -4.02 41.46
N PHE D 30 -29.38 -2.82 41.03
CA PHE D 30 -28.63 -1.63 41.40
C PHE D 30 -29.54 -0.42 41.45
N GLU D 31 -29.24 0.49 42.37
CA GLU D 31 -29.92 1.77 42.40
C GLU D 31 -29.36 2.62 41.27
N ASP D 32 -30.26 3.12 40.43
CA ASP D 32 -29.87 3.92 39.28
C ASP D 32 -30.15 5.39 39.59
N TYR D 33 -29.34 5.96 40.47
CA TYR D 33 -29.54 7.34 40.92
C TYR D 33 -29.11 8.34 39.85
N ARG D 34 -30.09 9.12 39.38
CA ARG D 34 -29.84 10.16 38.40
C ARG D 34 -30.10 11.53 39.03
N PHE D 35 -29.04 12.31 39.20
CA PHE D 35 -29.15 13.57 39.92
C PHE D 35 -29.66 14.71 39.03
N GLN D 36 -30.43 15.61 39.63
CA GLN D 36 -30.95 16.77 38.91
C GLN D 36 -29.85 17.77 38.63
N GLU D 37 -30.10 18.66 37.68
CA GLU D 37 -29.11 19.67 37.29
C GLU D 37 -28.62 20.50 38.48
N GLY D 38 -29.55 20.84 39.37
CA GLY D 38 -29.21 21.66 40.53
C GLY D 38 -28.61 20.88 41.68
N ASP D 39 -28.53 19.55 41.54
CA ASP D 39 -28.00 18.71 42.60
C ASP D 39 -26.49 18.54 42.52
N TRP D 40 -25.89 18.93 41.41
CA TRP D 40 -24.49 18.60 41.16
C TRP D 40 -23.46 19.30 42.07
N PRO D 41 -23.58 20.62 42.23
CA PRO D 41 -22.66 21.34 43.13
C PRO D 41 -22.59 20.72 44.53
N ASN D 42 -23.69 20.07 44.93
CA ASN D 42 -23.78 19.39 46.21
C ASN D 42 -23.01 18.08 46.19
N LEU D 43 -23.11 17.34 45.09
CA LEU D 43 -22.53 15.99 45.00
C LEU D 43 -21.04 15.99 44.66
N LYS D 44 -20.63 16.91 43.78
CA LYS D 44 -19.27 16.96 43.27
C LYS D 44 -18.15 16.75 44.30
N PRO D 45 -18.20 17.47 45.43
CA PRO D 45 -17.12 17.35 46.43
C PRO D 45 -16.91 15.94 47.00
N SER D 46 -17.93 15.09 46.97
CA SER D 46 -17.82 13.75 47.56
C SER D 46 -17.44 12.67 46.54
N MET D 47 -17.33 13.06 45.28
CA MET D 47 -16.88 12.13 44.24
C MET D 47 -15.34 12.12 44.26
N PRO D 48 -14.72 10.93 44.13
CA PRO D 48 -13.26 10.78 44.30
C PRO D 48 -12.40 11.80 43.55
N PHE D 49 -12.82 12.20 42.35
CA PHE D 49 -12.11 13.23 41.60
C PHE D 49 -13.11 14.21 40.97
N GLY D 50 -14.25 14.37 41.63
CA GLY D 50 -15.21 15.38 41.25
C GLY D 50 -15.91 15.13 39.93
N LYS D 51 -15.99 13.86 39.52
CA LYS D 51 -16.70 13.49 38.30
C LYS D 51 -17.48 12.20 38.51
N THR D 52 -18.38 11.92 37.58
CA THR D 52 -19.15 10.68 37.55
C THR D 52 -19.07 10.13 36.13
N PRO D 53 -19.45 8.86 35.92
CA PRO D 53 -20.14 7.90 36.81
C PRO D 53 -19.35 7.51 38.05
N VAL D 54 -20.10 7.22 39.11
CA VAL D 54 -19.54 6.63 40.33
C VAL D 54 -20.41 5.45 40.71
N LEU D 55 -19.77 4.30 40.90
CA LEU D 55 -20.48 3.09 41.29
C LEU D 55 -20.08 2.66 42.69
N GLU D 56 -21.02 2.75 43.63
CA GLU D 56 -20.79 2.26 44.97
C GLU D 56 -21.00 0.75 44.98
N ILE D 57 -19.97 0.03 45.39
CA ILE D 57 -20.03 -1.43 45.51
C ILE D 57 -19.80 -1.79 46.97
N ASP D 58 -20.88 -2.10 47.68
CA ASP D 58 -20.84 -2.37 49.11
C ASP D 58 -20.22 -1.20 49.87
N GLY D 59 -20.78 -0.01 49.69
CA GLY D 59 -20.34 1.18 50.40
C GLY D 59 -19.13 1.85 49.80
N LYS D 60 -18.34 1.11 49.02
CA LYS D 60 -17.08 1.61 48.50
C LYS D 60 -17.21 2.26 47.14
N GLN D 61 -16.76 3.51 47.05
CA GLN D 61 -16.81 4.26 45.80
C GLN D 61 -15.82 3.71 44.78
N THR D 62 -16.30 3.57 43.54
CA THR D 62 -15.43 3.33 42.40
C THR D 62 -15.82 4.35 41.33
N HIS D 63 -14.86 4.73 40.48
CA HIS D 63 -15.13 5.65 39.39
C HIS D 63 -14.40 5.23 38.11
N GLN D 64 -14.45 6.07 37.09
CA GLN D 64 -13.87 5.80 35.78
C GLN D 64 -14.64 4.71 35.03
N SER D 65 -15.41 5.14 34.03
CA SER D 65 -16.32 4.27 33.30
C SER D 65 -15.64 3.05 32.70
N VAL D 66 -14.43 3.22 32.19
CA VAL D 66 -13.69 2.12 31.56
C VAL D 66 -13.18 1.13 32.62
N ALA D 67 -12.61 1.65 33.70
CA ALA D 67 -12.08 0.81 34.77
C ALA D 67 -13.19 -0.04 35.38
N ILE D 68 -14.32 0.60 35.66
CA ILE D 68 -15.47 -0.10 36.23
C ILE D 68 -15.99 -1.16 35.26
N SER D 69 -16.13 -0.79 33.99
CA SER D 69 -16.59 -1.72 32.96
C SER D 69 -15.70 -2.96 32.87
N ARG D 70 -14.38 -2.77 33.00
CA ARG D 70 -13.45 -3.89 32.93
C ARG D 70 -13.65 -4.82 34.14
N TYR D 71 -13.75 -4.22 35.31
CA TYR D 71 -13.97 -4.98 36.54
C TYR D 71 -15.26 -5.79 36.44
N LEU D 72 -16.37 -5.11 36.14
CA LEU D 72 -17.66 -5.77 36.01
C LEU D 72 -17.62 -6.85 34.93
N GLY D 73 -16.89 -6.57 33.85
CA GLY D 73 -16.71 -7.54 32.78
C GLY D 73 -16.12 -8.83 33.28
N LYS D 74 -15.10 -8.71 34.14
CA LYS D 74 -14.44 -9.89 34.69
C LYS D 74 -15.36 -10.63 35.67
N GLN D 75 -16.22 -9.89 36.35
CA GLN D 75 -17.14 -10.49 37.31
C GLN D 75 -18.25 -11.28 36.62
N PHE D 76 -18.58 -10.90 35.39
CA PHE D 76 -19.74 -11.48 34.70
C PHE D 76 -19.34 -12.34 33.49
N GLY D 77 -18.07 -12.69 33.38
CA GLY D 77 -17.61 -13.64 32.38
C GLY D 77 -17.43 -13.06 30.99
N LEU D 78 -17.15 -11.76 30.92
CA LEU D 78 -17.04 -11.07 29.63
C LEU D 78 -15.62 -10.55 29.36
N SER D 79 -14.64 -11.09 30.09
CA SER D 79 -13.25 -10.72 29.89
C SER D 79 -12.50 -11.80 29.13
N GLY D 80 -11.22 -11.57 28.88
CA GLY D 80 -10.40 -12.53 28.16
C GLY D 80 -10.09 -13.76 28.98
N LYS D 81 -9.68 -14.83 28.31
CA LYS D 81 -9.33 -16.07 28.99
C LYS D 81 -7.94 -15.96 29.58
N ASP D 82 -7.09 -15.15 28.96
CA ASP D 82 -5.71 -14.95 29.44
C ASP D 82 -5.33 -13.48 29.37
N ASP D 83 -4.08 -13.18 29.74
CA ASP D 83 -3.58 -11.81 29.74
C ASP D 83 -3.63 -11.18 28.35
N TRP D 84 -3.37 -11.98 27.32
CA TRP D 84 -3.31 -11.44 25.97
C TRP D 84 -4.69 -11.04 25.43
N GLU D 85 -5.71 -11.82 25.75
CA GLU D 85 -7.05 -11.48 25.32
C GLU D 85 -7.52 -10.21 26.01
N ASN D 86 -7.19 -10.08 27.30
CA ASN D 86 -7.52 -8.89 28.05
C ASN D 86 -6.79 -7.67 27.50
N LEU D 87 -5.58 -7.90 26.97
CA LEU D 87 -4.87 -6.83 26.30
C LEU D 87 -5.67 -6.38 25.09
N GLU D 88 -6.05 -7.33 24.24
CA GLU D 88 -6.80 -7.04 23.03
C GLU D 88 -8.07 -6.25 23.33
N ILE D 89 -8.77 -6.62 24.39
CA ILE D 89 -9.96 -5.90 24.81
C ILE D 89 -9.59 -4.48 25.24
N ASP D 90 -8.61 -4.38 26.14
CA ASP D 90 -8.18 -3.08 26.66
C ASP D 90 -7.72 -2.13 25.56
N MET D 91 -6.97 -2.68 24.60
CA MET D 91 -6.46 -1.87 23.50
C MET D 91 -7.59 -1.23 22.70
N ILE D 92 -8.61 -2.01 22.34
CA ILE D 92 -9.66 -1.50 21.46
C ILE D 92 -10.58 -0.51 22.18
N VAL D 93 -10.77 -0.70 23.48
CA VAL D 93 -11.61 0.22 24.26
C VAL D 93 -10.93 1.58 24.44
N ASP D 94 -9.61 1.58 24.67
CA ASP D 94 -8.87 2.83 24.74
C ASP D 94 -8.93 3.56 23.39
N THR D 95 -9.09 2.79 22.32
CA THR D 95 -9.21 3.38 20.99
C THR D 95 -10.60 3.99 20.82
N ILE D 96 -11.61 3.36 21.40
CA ILE D 96 -12.94 3.94 21.46
C ILE D 96 -12.88 5.28 22.20
N SER D 97 -12.06 5.34 23.23
CA SER D 97 -11.91 6.57 24.01
C SER D 97 -11.25 7.66 23.19
N ASP D 98 -10.21 7.31 22.42
CA ASP D 98 -9.57 8.26 21.51
C ASP D 98 -10.59 8.80 20.50
N PHE D 99 -11.41 7.90 19.97
CA PHE D 99 -12.42 8.29 18.99
C PHE D 99 -13.43 9.26 19.63
N ARG D 100 -13.86 8.93 20.84
CA ARG D 100 -14.77 9.81 21.58
C ARG D 100 -14.17 11.18 21.85
N ALA D 101 -12.87 11.20 22.15
CA ALA D 101 -12.18 12.45 22.46
C ALA D 101 -12.12 13.35 21.24
N ALA D 102 -11.98 12.76 20.07
CA ALA D 102 -11.92 13.52 18.83
C ALA D 102 -13.27 14.20 18.56
N ILE D 103 -14.35 13.47 18.84
CA ILE D 103 -15.69 14.01 18.67
C ILE D 103 -16.00 15.06 19.74
N ALA D 104 -15.71 14.72 20.99
CA ALA D 104 -15.98 15.60 22.12
C ALA D 104 -15.19 16.90 21.99
N ASN D 105 -14.09 16.86 21.27
CA ASN D 105 -13.23 18.04 21.09
C ASN D 105 -13.93 19.11 20.26
N TYR D 106 -14.77 18.68 19.31
CA TYR D 106 -15.62 19.61 18.58
C TYR D 106 -16.82 19.99 19.43
N HIS D 107 -17.50 18.96 19.93
CA HIS D 107 -18.79 19.13 20.59
C HIS D 107 -18.76 20.06 21.80
N TYR D 108 -17.73 19.94 22.63
CA TYR D 108 -17.65 20.72 23.86
C TYR D 108 -16.86 22.03 23.71
N ASP D 109 -16.37 22.31 22.50
CA ASP D 109 -15.61 23.53 22.25
C ASP D 109 -16.53 24.74 22.45
N ALA D 110 -16.11 25.64 23.34
CA ALA D 110 -16.95 26.78 23.74
C ALA D 110 -16.75 28.00 22.84
N ASP D 111 -15.63 28.02 22.12
CA ASP D 111 -15.36 29.10 21.17
C ASP D 111 -15.97 28.71 19.82
N GLU D 112 -17.04 29.40 19.44
CA GLU D 112 -17.77 29.11 18.21
C GLU D 112 -16.87 29.16 16.97
N ASN D 113 -15.97 30.14 16.95
CA ASN D 113 -15.05 30.29 15.84
C ASN D 113 -14.12 29.07 15.72
N SER D 114 -13.49 28.71 16.83
CA SER D 114 -12.62 27.55 16.87
C SER D 114 -13.40 26.27 16.62
N LYS D 115 -14.58 26.17 17.23
CA LYS D 115 -15.44 25.00 17.10
C LYS D 115 -15.75 24.71 15.63
N GLN D 116 -16.19 25.74 14.92
CA GLN D 116 -16.54 25.61 13.50
C GLN D 116 -15.34 25.14 12.69
N LYS D 117 -14.15 25.50 13.15
CA LYS D 117 -12.92 25.11 12.46
C LYS D 117 -12.70 23.60 12.51
N LYS D 118 -13.23 22.97 13.53
CA LYS D 118 -13.02 21.54 13.75
C LYS D 118 -14.09 20.67 13.07
N TRP D 119 -15.15 21.30 12.58
CA TRP D 119 -16.27 20.56 12.01
C TRP D 119 -15.86 19.73 10.79
N ASP D 120 -15.33 20.41 9.77
CA ASP D 120 -14.96 19.74 8.52
C ASP D 120 -13.98 18.57 8.73
N PRO D 121 -12.87 18.81 9.44
CA PRO D 121 -11.89 17.75 9.71
C PRO D 121 -12.49 16.52 10.38
N LEU D 122 -13.37 16.73 11.35
CA LEU D 122 -14.03 15.64 12.05
C LEU D 122 -14.83 14.76 11.07
N LYS D 123 -15.65 15.40 10.25
CA LYS D 123 -16.53 14.69 9.33
C LYS D 123 -15.77 14.14 8.13
N LYS D 124 -14.72 14.84 7.70
CA LYS D 124 -14.04 14.53 6.45
C LYS D 124 -12.86 13.59 6.61
N GLU D 125 -12.33 13.48 7.83
CA GLU D 125 -11.15 12.64 8.08
C GLU D 125 -11.36 11.70 9.27
N THR D 126 -11.59 12.27 10.44
CA THR D 126 -11.63 11.50 11.68
C THR D 126 -12.73 10.45 11.69
N ILE D 127 -13.97 10.89 11.48
CA ILE D 127 -15.13 10.00 11.58
C ILE D 127 -15.07 8.83 10.58
N PRO D 128 -14.83 9.13 9.29
CA PRO D 128 -14.71 8.04 8.32
C PRO D 128 -13.60 7.06 8.66
N TYR D 129 -12.48 7.57 9.14
CA TYR D 129 -11.33 6.72 9.46
C TYR D 129 -11.65 5.68 10.53
N TYR D 130 -12.13 6.13 11.68
CA TYR D 130 -12.40 5.23 12.80
C TYR D 130 -13.54 4.25 12.51
N THR D 131 -14.63 4.75 11.95
CA THR D 131 -15.78 3.91 11.64
C THR D 131 -15.38 2.76 10.72
N LYS D 132 -14.48 3.04 9.78
CA LYS D 132 -13.96 2.02 8.88
C LYS D 132 -13.08 1.03 9.65
N LYS D 133 -12.04 1.54 10.30
CA LYS D 133 -11.12 0.72 11.06
C LYS D 133 -11.84 -0.17 12.05
N PHE D 134 -12.81 0.40 12.77
CA PHE D 134 -13.57 -0.36 13.76
C PHE D 134 -14.40 -1.46 13.10
N ASP D 135 -14.97 -1.17 11.94
CA ASP D 135 -15.77 -2.15 11.20
C ASP D 135 -14.88 -3.30 10.74
N GLU D 136 -13.68 -2.96 10.28
CA GLU D 136 -12.69 -3.96 9.88
C GLU D 136 -12.38 -4.89 11.05
N VAL D 137 -12.08 -4.29 12.21
CA VAL D 137 -11.75 -5.06 13.40
C VAL D 137 -12.88 -6.01 13.78
N VAL D 138 -14.12 -5.51 13.67
CA VAL D 138 -15.28 -6.31 14.04
C VAL D 138 -15.45 -7.50 13.08
N LYS D 139 -15.29 -7.25 11.79
CA LYS D 139 -15.34 -8.30 10.80
C LYS D 139 -14.27 -9.36 11.07
N ALA D 140 -13.06 -8.88 11.38
CA ALA D 140 -11.91 -9.77 11.57
C ALA D 140 -12.06 -10.70 12.77
N ASN D 141 -12.83 -10.27 13.77
CA ASN D 141 -13.08 -11.09 14.96
C ASN D 141 -14.39 -11.85 14.86
N GLY D 142 -15.00 -11.86 13.67
CA GLY D 142 -16.23 -12.59 13.45
C GLY D 142 -17.44 -11.96 14.11
N GLY D 143 -17.45 -10.63 14.18
CA GLY D 143 -18.60 -9.90 14.70
C GLY D 143 -18.45 -9.43 16.12
N TYR D 144 -17.21 -9.22 16.56
CA TYR D 144 -16.93 -8.72 17.91
C TYR D 144 -15.72 -7.79 17.86
N LEU D 145 -15.55 -6.98 18.89
CA LEU D 145 -14.50 -5.96 18.88
C LEU D 145 -13.13 -6.49 19.26
N ALA D 146 -13.08 -7.63 19.94
CA ALA D 146 -11.80 -8.19 20.36
C ALA D 146 -11.90 -9.66 20.82
N ALA D 147 -10.77 -10.35 20.74
CA ALA D 147 -10.63 -11.71 21.23
C ALA D 147 -11.55 -12.70 20.51
N GLY D 148 -12.03 -12.30 19.34
CA GLY D 148 -12.87 -13.17 18.52
C GLY D 148 -14.13 -13.65 19.22
N LYS D 149 -14.63 -12.84 20.16
CA LYS D 149 -15.80 -13.23 20.93
C LYS D 149 -16.40 -12.03 21.67
N LEU D 150 -17.58 -12.24 22.24
CA LEU D 150 -18.30 -11.19 22.96
C LEU D 150 -17.60 -10.86 24.27
N THR D 151 -17.26 -9.59 24.44
CA THR D 151 -16.58 -9.12 25.65
C THR D 151 -17.20 -7.80 26.11
N TRP D 152 -16.72 -7.28 27.24
CA TRP D 152 -17.28 -6.06 27.81
C TRP D 152 -17.02 -4.85 26.92
N ALA D 153 -16.13 -5.00 25.93
CA ALA D 153 -15.87 -3.92 24.98
C ALA D 153 -17.06 -3.70 24.07
N ASP D 154 -17.72 -4.79 23.68
CA ASP D 154 -18.90 -4.71 22.82
C ASP D 154 -20.02 -3.99 23.55
N PHE D 155 -20.15 -4.27 24.84
CA PHE D 155 -21.15 -3.62 25.66
C PHE D 155 -20.84 -2.14 25.86
N TYR D 156 -19.57 -1.84 26.14
CA TYR D 156 -19.13 -0.45 26.32
C TYR D 156 -19.39 0.34 25.05
N PHE D 157 -18.93 -0.20 23.92
CA PHE D 157 -19.07 0.45 22.63
C PHE D 157 -20.52 0.77 22.29
N VAL D 158 -21.37 -0.23 22.38
CA VAL D 158 -22.77 -0.08 21.99
C VAL D 158 -23.52 0.81 22.98
N ALA D 159 -23.14 0.79 24.25
CA ALA D 159 -23.81 1.58 25.27
C ALA D 159 -23.61 3.08 25.08
N ILE D 160 -22.42 3.48 24.61
CA ILE D 160 -22.11 4.90 24.43
C ILE D 160 -22.35 5.38 23.01
N LEU D 161 -22.78 4.48 22.14
CA LEU D 161 -22.92 4.81 20.72
C LEU D 161 -23.90 5.95 20.47
N ASP D 162 -25.02 5.96 21.20
CA ASP D 162 -26.00 7.03 21.08
C ASP D 162 -25.39 8.37 21.47
N TYR D 163 -24.55 8.35 22.50
CA TYR D 163 -23.84 9.54 22.95
C TYR D 163 -22.89 10.03 21.87
N LEU D 164 -22.19 9.11 21.24
CA LEU D 164 -21.28 9.45 20.14
C LEU D 164 -22.05 10.00 18.94
N ASN D 165 -23.17 9.36 18.60
CA ASN D 165 -24.00 9.83 17.49
C ASN D 165 -24.52 11.23 17.74
N HIS D 166 -24.97 11.49 18.97
CA HIS D 166 -25.53 12.78 19.32
C HIS D 166 -24.50 13.89 19.17
N MET D 167 -23.29 13.64 19.65
CA MET D 167 -22.23 14.62 19.56
C MET D 167 -21.78 14.82 18.11
N ALA D 168 -21.65 13.71 17.38
CA ALA D 168 -21.18 13.76 15.99
C ALA D 168 -22.30 14.20 15.03
N LYS D 169 -23.52 14.27 15.54
CA LYS D 169 -24.69 14.64 14.74
C LYS D 169 -24.86 13.74 13.52
N GLU D 170 -24.67 12.43 13.70
CA GLU D 170 -24.96 11.46 12.65
C GLU D 170 -25.02 10.05 13.23
N ASP D 171 -25.59 9.14 12.46
CA ASP D 171 -25.62 7.72 12.83
C ASP D 171 -24.32 7.07 12.36
N LEU D 172 -23.41 6.85 13.30
CA LEU D 172 -22.03 6.49 12.98
C LEU D 172 -21.86 5.10 12.36
N VAL D 173 -22.79 4.19 12.62
CA VAL D 173 -22.66 2.81 12.17
C VAL D 173 -23.65 2.46 11.05
N ALA D 174 -24.36 3.46 10.54
CA ALA D 174 -25.38 3.23 9.53
C ALA D 174 -24.79 2.63 8.24
N ASN D 175 -23.64 3.15 7.82
CA ASN D 175 -22.97 2.66 6.61
C ASN D 175 -21.90 1.63 6.91
N GLN D 176 -21.90 1.11 8.14
CA GLN D 176 -20.92 0.12 8.57
C GLN D 176 -21.62 -1.16 9.01
N PRO D 177 -21.74 -2.13 8.08
CA PRO D 177 -22.60 -3.30 8.31
C PRO D 177 -22.19 -4.19 9.47
N ASN D 178 -20.89 -4.41 9.67
CA ASN D 178 -20.43 -5.23 10.80
C ASN D 178 -20.66 -4.53 12.13
N LEU D 179 -20.48 -3.21 12.15
CA LEU D 179 -20.78 -2.43 13.34
C LEU D 179 -22.28 -2.43 13.60
N LYS D 180 -23.05 -2.22 12.52
CA LYS D 180 -24.51 -2.22 12.62
C LYS D 180 -25.00 -3.55 13.17
N ALA D 181 -24.37 -4.64 12.74
CA ALA D 181 -24.77 -5.97 13.18
C ALA D 181 -24.33 -6.22 14.63
N LEU D 182 -23.20 -5.64 15.02
CA LEU D 182 -22.74 -5.75 16.40
C LEU D 182 -23.72 -5.02 17.32
N ARG D 183 -24.18 -3.86 16.87
CA ARG D 183 -25.17 -3.09 17.63
C ARG D 183 -26.45 -3.89 17.79
N GLU D 184 -26.99 -4.38 16.68
CA GLU D 184 -28.20 -5.17 16.69
C GLU D 184 -28.05 -6.38 17.60
N LYS D 185 -26.87 -7.00 17.53
CA LYS D 185 -26.57 -8.18 18.33
C LYS D 185 -26.65 -7.87 19.83
N VAL D 186 -25.91 -6.87 20.27
CA VAL D 186 -25.85 -6.51 21.68
C VAL D 186 -27.21 -6.04 22.19
N LEU D 187 -27.88 -5.20 21.41
CA LEU D 187 -29.21 -4.73 21.77
C LEU D 187 -30.21 -5.88 21.73
N GLY D 188 -29.85 -6.94 21.02
CA GLY D 188 -30.70 -8.11 20.89
C GLY D 188 -30.59 -9.06 22.07
N LEU D 189 -29.50 -8.98 22.82
CA LEU D 189 -29.34 -9.82 24.00
C LEU D 189 -30.46 -9.49 24.99
N PRO D 190 -31.14 -10.51 25.54
CA PRO D 190 -32.32 -10.28 26.38
C PRO D 190 -32.13 -9.31 27.55
N ALA D 191 -31.08 -9.49 28.36
CA ALA D 191 -30.84 -8.63 29.51
C ALA D 191 -30.74 -7.17 29.09
N ILE D 192 -30.20 -6.95 27.89
CA ILE D 192 -30.04 -5.60 27.35
C ILE D 192 -31.36 -5.12 26.77
N LYS D 193 -31.98 -5.96 25.95
CA LYS D 193 -33.30 -5.69 25.41
C LYS D 193 -34.26 -5.30 26.54
N ALA D 194 -34.20 -6.05 27.63
CA ALA D 194 -35.06 -5.80 28.79
C ALA D 194 -34.71 -4.49 29.48
N TRP D 195 -33.43 -4.16 29.54
CA TRP D 195 -33.01 -2.90 30.16
C TRP D 195 -33.38 -1.70 29.26
N VAL D 196 -33.24 -1.88 27.96
CA VAL D 196 -33.46 -0.80 27.01
C VAL D 196 -34.94 -0.41 26.93
N ALA D 197 -35.84 -1.37 27.14
CA ALA D 197 -37.27 -1.10 27.14
C ALA D 197 -37.71 -0.42 28.45
N LYS D 198 -36.92 -0.62 29.50
CA LYS D 198 -37.21 -0.04 30.81
C LYS D 198 -36.67 1.39 30.93
N ARG D 199 -35.49 1.62 30.36
CA ARG D 199 -34.72 2.83 30.65
C ARG D 199 -35.43 4.12 30.18
N PRO D 200 -35.11 5.26 30.82
CA PRO D 200 -35.64 6.54 30.37
C PRO D 200 -35.05 6.94 29.02
N PRO D 201 -35.89 7.42 28.09
CA PRO D 201 -35.34 7.82 26.79
C PRO D 201 -34.67 9.19 26.84
N THR D 202 -33.42 9.23 26.39
CA THR D 202 -32.67 10.46 26.26
C THR D 202 -31.95 10.46 24.92
N ASP D 203 -31.51 11.64 24.48
CA ASP D 203 -30.81 11.76 23.20
C ASP D 203 -29.34 11.40 23.33
N LEU D 204 -28.80 11.54 24.53
CA LEU D 204 -27.40 11.18 24.80
C LEU D 204 -27.33 9.91 25.62
N PRO E 3 11.92 17.51 -43.49
CA PRO E 3 12.40 16.85 -42.26
C PRO E 3 12.05 15.38 -42.21
N SER E 4 12.94 14.58 -41.60
CA SER E 4 12.69 13.16 -41.42
C SER E 4 11.90 12.92 -40.15
N TYR E 5 11.14 11.83 -40.12
CA TYR E 5 10.23 11.54 -39.01
C TYR E 5 10.32 10.11 -38.49
N LYS E 6 10.56 9.98 -37.19
CA LYS E 6 10.46 8.69 -36.49
C LYS E 6 9.55 8.84 -35.28
N LEU E 7 8.45 8.10 -35.27
CA LEU E 7 7.54 8.06 -34.14
C LEU E 7 7.73 6.78 -33.35
N THR E 8 7.83 6.91 -32.03
CA THR E 8 7.97 5.75 -31.14
C THR E 8 6.80 5.73 -30.17
N TYR E 9 6.09 4.61 -30.13
CA TYR E 9 4.95 4.45 -29.25
C TYR E 9 4.50 2.99 -29.16
N CYS E 10 3.60 2.69 -28.22
CA CYS E 10 2.99 1.38 -28.10
C CYS E 10 2.40 0.90 -29.42
N PRO E 11 2.19 -0.42 -29.56
CA PRO E 11 1.56 -0.98 -30.76
C PRO E 11 0.03 -0.78 -30.82
N VAL E 12 -0.47 0.31 -30.26
CA VAL E 12 -1.89 0.66 -30.37
C VAL E 12 -2.07 2.11 -30.82
N LYS E 13 -3.31 2.53 -30.99
CA LYS E 13 -3.60 3.89 -31.40
C LYS E 13 -3.34 4.86 -30.24
N ALA E 14 -4.29 4.93 -29.31
CA ALA E 14 -4.24 5.82 -28.15
C ALA E 14 -3.59 7.19 -28.42
N LEU E 15 -2.51 7.51 -27.70
CA LEU E 15 -1.97 8.86 -27.67
C LEU E 15 -1.03 9.19 -28.83
N GLY E 16 -0.61 8.17 -29.57
CA GLY E 16 0.29 8.38 -30.69
C GLY E 16 -0.44 8.62 -32.00
N GLU E 17 -1.68 8.15 -32.07
CA GLU E 17 -2.45 8.21 -33.30
C GLU E 17 -2.66 9.62 -33.87
N PRO E 18 -2.88 10.62 -33.00
CA PRO E 18 -2.96 12.00 -33.50
C PRO E 18 -1.74 12.40 -34.32
N ILE E 19 -0.55 12.01 -33.85
CA ILE E 19 0.69 12.31 -34.55
C ILE E 19 0.75 11.56 -35.86
N ARG E 20 0.25 10.32 -35.86
CA ARG E 20 0.22 9.51 -37.07
C ARG E 20 -0.77 10.11 -38.07
N PHE E 21 -1.90 10.60 -37.57
CA PHE E 21 -2.89 11.27 -38.42
C PHE E 21 -2.31 12.50 -39.11
N LEU E 22 -1.78 13.42 -38.32
CA LEU E 22 -1.28 14.69 -38.84
C LEU E 22 -0.15 14.50 -39.86
N LEU E 23 0.79 13.62 -39.55
CA LEU E 23 1.88 13.32 -40.47
C LEU E 23 1.34 12.74 -41.77
N SER E 24 0.39 11.81 -41.65
CA SER E 24 -0.24 11.20 -42.82
C SER E 24 -0.90 12.28 -43.66
N TYR E 25 -1.67 13.16 -43.02
CA TYR E 25 -2.36 14.24 -43.72
C TYR E 25 -1.37 15.19 -44.37
N GLY E 26 -0.28 15.49 -43.68
CA GLY E 26 0.77 16.31 -44.23
C GLY E 26 1.50 15.64 -45.37
N GLU E 27 1.17 14.36 -45.59
CA GLU E 27 1.80 13.56 -46.63
C GLU E 27 3.31 13.53 -46.41
N LYS E 28 3.68 13.35 -45.15
CA LYS E 28 5.06 13.23 -44.73
C LYS E 28 5.31 11.80 -44.26
N ASP E 29 6.24 11.11 -44.91
CA ASP E 29 6.55 9.74 -44.53
C ASP E 29 7.32 9.71 -43.23
N PHE E 30 7.02 8.72 -42.38
CA PHE E 30 7.67 8.59 -41.09
C PHE E 30 7.86 7.12 -40.72
N GLU E 31 8.87 6.85 -39.91
CA GLU E 31 9.08 5.52 -39.37
C GLU E 31 8.16 5.36 -38.16
N ASP E 32 7.36 4.30 -38.16
CA ASP E 32 6.38 4.05 -37.10
C ASP E 32 6.85 2.91 -36.21
N TYR E 33 7.82 3.20 -35.35
CA TYR E 33 8.41 2.18 -34.50
C TYR E 33 7.48 1.79 -33.36
N ARG E 34 7.04 0.53 -33.36
CA ARG E 34 6.17 0.00 -32.33
C ARG E 34 6.90 -1.08 -31.54
N PHE E 35 7.44 -0.70 -30.39
CA PHE E 35 8.24 -1.61 -29.57
C PHE E 35 7.38 -2.66 -28.87
N GLN E 36 8.01 -3.79 -28.54
CA GLN E 36 7.34 -4.83 -27.77
C GLN E 36 7.38 -4.48 -26.28
N GLU E 37 6.46 -5.04 -25.51
CA GLU E 37 6.34 -4.72 -24.10
C GLU E 37 7.61 -4.99 -23.30
N GLY E 38 8.33 -6.04 -23.67
CA GLY E 38 9.54 -6.43 -22.97
C GLY E 38 10.69 -5.47 -23.19
N ASP E 39 10.65 -4.72 -24.29
CA ASP E 39 11.73 -3.80 -24.63
C ASP E 39 11.68 -2.53 -23.79
N TRP E 40 10.57 -2.32 -23.09
CA TRP E 40 10.29 -1.01 -22.50
C TRP E 40 11.25 -0.59 -21.37
N PRO E 41 11.55 -1.50 -20.43
CA PRO E 41 12.54 -1.13 -19.41
C PRO E 41 13.90 -0.78 -20.04
N ASN E 42 14.23 -1.46 -21.13
CA ASN E 42 15.46 -1.17 -21.86
C ASN E 42 15.36 0.15 -22.61
N LEU E 43 14.15 0.52 -23.00
CA LEU E 43 13.93 1.70 -23.86
C LEU E 43 13.66 2.97 -23.08
N LYS E 44 12.92 2.84 -21.99
CA LYS E 44 12.41 3.98 -21.22
C LYS E 44 13.41 5.12 -20.99
N PRO E 45 14.58 4.82 -20.41
CA PRO E 45 15.47 5.91 -20.00
C PRO E 45 16.09 6.71 -21.16
N SER E 46 15.83 6.28 -22.40
CA SER E 46 16.31 7.03 -23.56
C SER E 46 15.29 8.08 -23.99
N MET E 47 14.09 8.01 -23.42
CA MET E 47 13.06 8.98 -23.72
C MET E 47 13.19 10.20 -22.80
N PRO E 48 12.97 11.42 -23.34
CA PRO E 48 13.15 12.67 -22.61
C PRO E 48 12.67 12.64 -21.16
N PHE E 49 11.53 12.00 -20.91
CA PHE E 49 11.00 11.85 -19.56
C PHE E 49 10.40 10.47 -19.37
N GLY E 50 11.00 9.48 -20.00
CA GLY E 50 10.65 8.09 -19.79
C GLY E 50 9.21 7.75 -20.16
N LYS E 51 8.69 8.44 -21.17
CA LYS E 51 7.34 8.16 -21.65
C LYS E 51 7.23 8.37 -23.16
N THR E 52 6.26 7.68 -23.75
CA THR E 52 5.94 7.82 -25.17
C THR E 52 4.53 8.39 -25.26
N PRO E 53 4.14 8.91 -26.44
CA PRO E 53 4.86 8.95 -27.71
C PRO E 53 6.05 9.91 -27.72
N VAL E 54 7.08 9.52 -28.47
CA VAL E 54 8.20 10.40 -28.78
C VAL E 54 8.32 10.49 -30.29
N LEU E 55 8.52 11.70 -30.79
CA LEU E 55 8.69 11.94 -32.22
C LEU E 55 10.04 12.58 -32.50
N GLU E 56 10.84 11.91 -33.31
CA GLU E 56 12.11 12.47 -33.75
C GLU E 56 11.96 13.22 -35.06
N ILE E 57 12.25 14.51 -35.02
CA ILE E 57 12.24 15.35 -36.22
C ILE E 57 13.69 15.72 -36.54
N ASP E 58 14.21 15.17 -37.64
CA ASP E 58 15.62 15.34 -38.00
C ASP E 58 16.52 14.86 -36.87
N GLY E 59 16.17 13.73 -36.26
CA GLY E 59 16.96 13.15 -35.19
C GLY E 59 16.75 13.82 -33.84
N LYS E 60 16.01 14.93 -33.83
CA LYS E 60 15.76 15.68 -32.61
C LYS E 60 14.50 15.21 -31.90
N GLN E 61 14.64 14.81 -30.64
CA GLN E 61 13.55 14.22 -29.87
C GLN E 61 12.50 15.23 -29.42
N THR E 62 11.24 14.92 -29.68
CA THR E 62 10.11 15.66 -29.12
C THR E 62 9.16 14.69 -28.46
N HIS E 63 8.41 15.15 -27.47
CA HIS E 63 7.43 14.31 -26.79
C HIS E 63 6.18 15.13 -26.43
N GLN E 64 5.30 14.53 -25.63
CA GLN E 64 4.01 15.12 -25.27
C GLN E 64 3.09 15.24 -26.48
N SER E 65 2.09 14.36 -26.51
CA SER E 65 1.20 14.20 -27.66
C SER E 65 0.48 15.48 -28.06
N VAL E 66 0.03 16.25 -27.08
CA VAL E 66 -0.70 17.50 -27.35
C VAL E 66 0.23 18.59 -27.86
N ALA E 67 1.45 18.63 -27.33
CA ALA E 67 2.42 19.64 -27.75
C ALA E 67 2.87 19.39 -29.17
N ILE E 68 3.18 18.13 -29.48
CA ILE E 68 3.60 17.74 -30.82
C ILE E 68 2.48 17.98 -31.83
N SER E 69 1.26 17.61 -31.45
CA SER E 69 0.10 17.79 -32.32
C SER E 69 -0.11 19.26 -32.66
N ARG E 70 0.07 20.13 -31.67
CA ARG E 70 -0.09 21.57 -31.88
C ARG E 70 0.98 22.07 -32.83
N TYR E 71 2.20 21.55 -32.67
CA TYR E 71 3.32 21.95 -33.51
C TYR E 71 3.07 21.54 -34.97
N LEU E 72 2.74 20.27 -35.18
CA LEU E 72 2.49 19.76 -36.52
C LEU E 72 1.33 20.49 -37.20
N GLY E 73 0.32 20.83 -36.41
CA GLY E 73 -0.81 21.59 -36.93
C GLY E 73 -0.38 22.92 -37.52
N LYS E 74 0.58 23.57 -36.86
CA LYS E 74 1.10 24.84 -37.35
C LYS E 74 1.86 24.66 -38.66
N GLN E 75 2.56 23.53 -38.78
CA GLN E 75 3.36 23.26 -39.96
C GLN E 75 2.51 22.86 -41.16
N PHE E 76 1.32 22.32 -40.90
CA PHE E 76 0.45 21.80 -41.96
C PHE E 76 -0.82 22.61 -42.14
N GLY E 77 -0.80 23.87 -41.71
CA GLY E 77 -1.91 24.77 -41.94
C GLY E 77 -3.18 24.39 -41.20
N LEU E 78 -3.03 23.65 -40.10
CA LEU E 78 -4.17 23.20 -39.31
C LEU E 78 -4.22 23.92 -37.97
N SER E 79 -3.82 25.18 -37.97
CA SER E 79 -3.78 25.99 -36.74
C SER E 79 -4.46 27.34 -36.94
N GLY E 80 -4.45 28.16 -35.89
CA GLY E 80 -5.16 29.43 -35.89
C GLY E 80 -4.52 30.50 -36.75
N LYS E 81 -5.33 31.44 -37.22
CA LYS E 81 -4.85 32.55 -38.02
C LYS E 81 -4.23 33.63 -37.13
N ASP E 82 -4.60 33.62 -35.85
CA ASP E 82 -4.05 34.55 -34.88
C ASP E 82 -4.06 33.96 -33.49
N ASP E 83 -3.57 34.72 -32.52
CA ASP E 83 -3.43 34.24 -31.14
C ASP E 83 -4.74 33.81 -30.52
N TRP E 84 -5.82 34.52 -30.84
CA TRP E 84 -7.12 34.22 -30.24
C TRP E 84 -7.68 32.90 -30.76
N GLU E 85 -7.52 32.64 -32.06
CA GLU E 85 -7.99 31.39 -32.64
C GLU E 85 -7.20 30.20 -32.09
N ASN E 86 -5.89 30.34 -31.97
CA ASN E 86 -5.07 29.27 -31.43
C ASN E 86 -5.42 28.98 -29.97
N LEU E 87 -5.91 29.99 -29.26
CA LEU E 87 -6.39 29.79 -27.90
C LEU E 87 -7.67 28.95 -27.92
N GLU E 88 -8.58 29.30 -28.82
CA GLU E 88 -9.83 28.55 -28.98
C GLU E 88 -9.52 27.07 -29.20
N ILE E 89 -8.59 26.79 -30.10
CA ILE E 89 -8.16 25.41 -30.38
C ILE E 89 -7.56 24.78 -29.13
N ASP E 90 -6.72 25.52 -28.43
CA ASP E 90 -6.02 24.98 -27.26
C ASP E 90 -6.98 24.68 -26.12
N MET E 91 -7.97 25.54 -25.94
CA MET E 91 -8.92 25.37 -24.84
C MET E 91 -9.74 24.11 -24.99
N ILE E 92 -10.13 23.78 -26.22
CA ILE E 92 -11.01 22.65 -26.45
C ILE E 92 -10.27 21.30 -26.38
N VAL E 93 -8.99 21.30 -26.75
CA VAL E 93 -8.20 20.06 -26.70
C VAL E 93 -7.88 19.71 -25.25
N ASP E 94 -7.46 20.70 -24.46
CA ASP E 94 -7.21 20.49 -23.04
C ASP E 94 -8.49 20.04 -22.33
N THR E 95 -9.63 20.37 -22.92
CA THR E 95 -10.92 19.93 -22.41
C THR E 95 -11.15 18.47 -22.76
N ILE E 96 -10.74 18.08 -23.96
CA ILE E 96 -10.82 16.69 -24.37
C ILE E 96 -9.91 15.86 -23.47
N SER E 97 -8.83 16.47 -22.99
CA SER E 97 -7.93 15.80 -22.05
C SER E 97 -8.61 15.63 -20.69
N ASP E 98 -9.44 16.60 -20.31
CA ASP E 98 -10.22 16.50 -19.08
C ASP E 98 -11.23 15.37 -19.21
N PHE E 99 -11.89 15.29 -20.36
CA PHE E 99 -12.85 14.24 -20.62
C PHE E 99 -12.19 12.87 -20.54
N ARG E 100 -11.07 12.73 -21.24
CA ARG E 100 -10.29 11.50 -21.24
C ARG E 100 -9.86 11.14 -19.82
N ALA E 101 -9.51 12.15 -19.04
CA ALA E 101 -9.07 11.94 -17.66
C ALA E 101 -10.20 11.36 -16.81
N ALA E 102 -11.43 11.77 -17.11
CA ALA E 102 -12.59 11.26 -16.38
C ALA E 102 -12.90 9.82 -16.78
N ILE E 103 -12.89 9.56 -18.09
CA ILE E 103 -13.11 8.22 -18.59
C ILE E 103 -12.01 7.28 -18.10
N ALA E 104 -10.78 7.78 -18.08
CA ALA E 104 -9.63 7.00 -17.64
C ALA E 104 -9.74 6.64 -16.17
N ASN E 105 -10.41 7.52 -15.40
CA ASN E 105 -10.59 7.30 -13.97
C ASN E 105 -11.37 6.02 -13.69
N TYR E 106 -12.34 5.73 -14.55
CA TYR E 106 -13.16 4.53 -14.42
C TYR E 106 -12.44 3.29 -14.96
N HIS E 107 -11.75 3.47 -16.08
CA HIS E 107 -11.15 2.35 -16.80
C HIS E 107 -9.94 1.75 -16.08
N TYR E 108 -9.10 2.62 -15.51
CA TYR E 108 -7.86 2.17 -14.88
C TYR E 108 -8.01 1.92 -13.38
N ASP E 109 -9.24 2.00 -12.89
CA ASP E 109 -9.52 1.68 -11.49
C ASP E 109 -9.30 0.18 -11.28
N ALA E 110 -8.20 -0.17 -10.61
CA ALA E 110 -7.84 -1.56 -10.37
C ALA E 110 -8.80 -2.25 -9.40
N ASP E 111 -9.37 -1.46 -8.50
CA ASP E 111 -10.35 -1.98 -7.55
C ASP E 111 -11.69 -2.15 -8.23
N GLU E 112 -12.35 -3.27 -7.96
CA GLU E 112 -13.62 -3.61 -8.59
C GLU E 112 -14.78 -2.82 -7.98
N ASN E 113 -14.87 -2.82 -6.66
CA ASN E 113 -15.95 -2.13 -5.95
C ASN E 113 -15.96 -0.62 -6.21
N SER E 114 -14.76 -0.06 -6.36
CA SER E 114 -14.62 1.38 -6.61
C SER E 114 -15.03 1.71 -8.04
N LYS E 115 -14.62 0.87 -8.98
CA LYS E 115 -14.92 1.09 -10.39
C LYS E 115 -16.42 1.11 -10.65
N GLN E 116 -17.16 0.32 -9.87
CA GLN E 116 -18.61 0.22 -10.03
C GLN E 116 -19.31 1.52 -9.68
N LYS E 117 -18.83 2.18 -8.63
CA LYS E 117 -19.42 3.43 -8.16
C LYS E 117 -19.18 4.58 -9.14
N LYS E 118 -18.18 4.40 -10.02
CA LYS E 118 -17.82 5.44 -10.98
C LYS E 118 -18.61 5.33 -12.28
N TRP E 119 -19.32 4.22 -12.46
CA TRP E 119 -20.04 3.96 -13.71
C TRP E 119 -21.20 4.92 -13.93
N ASP E 120 -22.05 5.09 -12.91
CA ASP E 120 -23.25 5.90 -13.06
C ASP E 120 -22.95 7.38 -13.30
N PRO E 121 -22.06 7.99 -12.49
CA PRO E 121 -21.73 9.39 -12.74
C PRO E 121 -21.11 9.60 -14.12
N LEU E 122 -20.38 8.59 -14.58
CA LEU E 122 -19.77 8.65 -15.91
C LEU E 122 -20.83 8.64 -16.99
N LYS E 123 -21.78 7.72 -16.87
CA LYS E 123 -22.80 7.51 -17.89
C LYS E 123 -23.94 8.52 -17.83
N LYS E 124 -24.34 8.89 -16.61
CA LYS E 124 -25.54 9.71 -16.42
C LYS E 124 -25.25 11.21 -16.33
N GLU E 125 -23.96 11.58 -16.29
CA GLU E 125 -23.59 12.99 -16.16
C GLU E 125 -22.38 13.34 -17.03
N THR E 126 -21.24 12.75 -16.71
CA THR E 126 -19.98 13.07 -17.38
C THR E 126 -20.05 12.93 -18.89
N ILE E 127 -20.46 11.76 -19.37
CA ILE E 127 -20.43 11.48 -20.81
C ILE E 127 -21.46 12.30 -21.59
N PRO E 128 -22.70 12.42 -21.06
CA PRO E 128 -23.66 13.30 -21.73
C PRO E 128 -23.24 14.77 -21.71
N TYR E 129 -22.56 15.18 -20.64
CA TYR E 129 -22.16 16.58 -20.50
C TYR E 129 -21.22 17.01 -21.61
N TYR E 130 -20.12 16.29 -21.75
CA TYR E 130 -19.07 16.64 -22.70
C TYR E 130 -19.53 16.43 -24.14
N THR E 131 -20.18 15.31 -24.40
CA THR E 131 -20.57 14.94 -25.76
C THR E 131 -21.55 15.96 -26.35
N LYS E 132 -22.41 16.51 -25.50
CA LYS E 132 -23.38 17.51 -25.95
C LYS E 132 -22.68 18.82 -26.29
N LYS E 133 -21.84 19.29 -25.38
CA LYS E 133 -21.13 20.55 -25.58
C LYS E 133 -20.23 20.49 -26.82
N PHE E 134 -19.50 19.39 -26.96
CA PHE E 134 -18.65 19.19 -28.13
C PHE E 134 -19.49 19.17 -29.41
N ASP E 135 -20.64 18.51 -29.35
CA ASP E 135 -21.52 18.40 -30.51
C ASP E 135 -22.07 19.77 -30.89
N GLU E 136 -22.43 20.56 -29.88
CA GLU E 136 -22.93 21.91 -30.10
C GLU E 136 -21.84 22.80 -30.70
N VAL E 137 -20.61 22.59 -30.23
CA VAL E 137 -19.46 23.36 -30.71
C VAL E 137 -19.19 23.06 -32.18
N VAL E 138 -19.20 21.78 -32.55
CA VAL E 138 -18.88 21.38 -33.91
C VAL E 138 -19.91 21.91 -34.90
N LYS E 139 -21.18 21.84 -34.54
CA LYS E 139 -22.24 22.40 -35.37
C LYS E 139 -22.03 23.89 -35.54
N ALA E 140 -21.69 24.56 -34.46
CA ALA E 140 -21.49 26.01 -34.46
C ALA E 140 -20.39 26.40 -35.47
N ASN E 141 -19.32 25.61 -35.48
CA ASN E 141 -18.19 25.88 -36.37
C ASN E 141 -18.40 25.31 -37.77
N GLY E 142 -19.55 24.70 -38.01
CA GLY E 142 -19.88 24.22 -39.35
C GLY E 142 -19.26 22.89 -39.72
N GLY E 143 -18.85 22.12 -38.70
CA GLY E 143 -18.32 20.78 -38.92
C GLY E 143 -16.92 20.56 -38.39
N TYR E 144 -16.45 21.47 -37.53
CA TYR E 144 -15.11 21.38 -36.97
C TYR E 144 -15.12 21.80 -35.49
N LEU E 145 -14.10 21.37 -34.75
CA LEU E 145 -14.05 21.66 -33.31
C LEU E 145 -13.62 23.09 -33.00
N ALA E 146 -13.05 23.78 -33.98
CA ALA E 146 -12.56 25.14 -33.75
C ALA E 146 -12.32 25.92 -35.04
N ALA E 147 -12.31 27.25 -34.90
CA ALA E 147 -11.92 28.15 -35.98
C ALA E 147 -12.78 28.04 -37.24
N GLY E 148 -13.89 27.32 -37.14
CA GLY E 148 -14.77 27.11 -38.28
C GLY E 148 -14.05 26.49 -39.45
N LYS E 149 -12.99 25.73 -39.15
CA LYS E 149 -12.19 25.11 -40.19
C LYS E 149 -11.47 23.89 -39.61
N LEU E 150 -10.82 23.13 -40.50
CA LEU E 150 -10.10 21.94 -40.12
C LEU E 150 -8.82 22.33 -39.37
N THR E 151 -8.66 21.80 -38.15
CA THR E 151 -7.47 22.07 -37.35
C THR E 151 -6.94 20.78 -36.72
N TRP E 152 -5.83 20.90 -35.99
CA TRP E 152 -5.20 19.73 -35.38
C TRP E 152 -6.06 19.15 -34.25
N ALA E 153 -6.99 19.95 -33.73
CA ALA E 153 -7.91 19.49 -32.71
C ALA E 153 -8.83 18.41 -33.28
N ASP E 154 -9.28 18.62 -34.51
CA ASP E 154 -10.16 17.66 -35.18
C ASP E 154 -9.45 16.33 -35.40
N PHE E 155 -8.17 16.41 -35.76
CA PHE E 155 -7.36 15.21 -35.97
C PHE E 155 -7.07 14.52 -34.64
N TYR E 156 -6.78 15.32 -33.61
CA TYR E 156 -6.49 14.77 -32.30
C TYR E 156 -7.69 14.04 -31.73
N PHE E 157 -8.86 14.68 -31.83
CA PHE E 157 -10.08 14.13 -31.27
C PHE E 157 -10.49 12.81 -31.90
N VAL E 158 -10.55 12.78 -33.23
CA VAL E 158 -10.96 11.58 -33.96
C VAL E 158 -9.94 10.46 -33.79
N ALA E 159 -8.68 10.83 -33.55
CA ALA E 159 -7.61 9.86 -33.41
C ALA E 159 -7.71 9.05 -32.11
N ILE E 160 -8.00 9.72 -31.01
CA ILE E 160 -8.08 9.04 -29.71
C ILE E 160 -9.47 8.49 -29.43
N LEU E 161 -10.41 8.76 -30.33
CA LEU E 161 -11.81 8.42 -30.11
C LEU E 161 -12.03 6.92 -29.83
N ASP E 162 -11.34 6.07 -30.58
CA ASP E 162 -11.43 4.63 -30.38
C ASP E 162 -10.94 4.24 -28.98
N TYR E 163 -9.87 4.88 -28.54
CA TYR E 163 -9.30 4.63 -27.22
C TYR E 163 -10.27 5.05 -26.12
N LEU E 164 -10.93 6.20 -26.32
CA LEU E 164 -11.95 6.67 -25.38
C LEU E 164 -13.15 5.72 -25.34
N ASN E 165 -13.62 5.34 -26.53
CA ASN E 165 -14.75 4.42 -26.64
C ASN E 165 -14.46 3.09 -25.97
N HIS E 166 -13.25 2.59 -26.18
CA HIS E 166 -12.82 1.34 -25.56
C HIS E 166 -12.90 1.43 -24.05
N MET E 167 -12.43 2.55 -23.50
CA MET E 167 -12.45 2.77 -22.06
C MET E 167 -13.86 3.08 -21.57
N ALA E 168 -14.63 3.79 -22.38
CA ALA E 168 -15.98 4.20 -22.01
C ALA E 168 -17.00 3.09 -22.23
N LYS E 169 -16.58 2.01 -22.88
CA LYS E 169 -17.46 0.87 -23.18
C LYS E 169 -18.73 1.30 -23.93
N GLU E 170 -18.58 2.28 -24.81
CA GLU E 170 -19.66 2.68 -25.70
C GLU E 170 -19.10 3.50 -26.86
N ASP E 171 -19.86 3.62 -27.93
CA ASP E 171 -19.53 4.54 -29.01
C ASP E 171 -20.02 5.93 -28.59
N LEU E 172 -19.08 6.80 -28.24
CA LEU E 172 -19.42 8.08 -27.62
C LEU E 172 -20.07 9.08 -28.58
N VAL E 173 -20.03 8.80 -29.88
CA VAL E 173 -20.59 9.69 -30.89
C VAL E 173 -21.80 9.10 -31.61
N ALA E 174 -22.26 7.94 -31.13
CA ALA E 174 -23.36 7.22 -31.78
C ALA E 174 -24.58 8.10 -32.01
N ASN E 175 -25.02 8.78 -30.95
CA ASN E 175 -26.21 9.63 -31.01
C ASN E 175 -25.87 11.11 -31.01
N GLN E 176 -24.59 11.43 -31.21
CA GLN E 176 -24.14 12.80 -31.34
C GLN E 176 -23.78 13.05 -32.81
N PRO E 177 -24.76 13.49 -33.61
CA PRO E 177 -24.64 13.47 -35.08
C PRO E 177 -23.52 14.35 -35.65
N ASN E 178 -23.27 15.51 -35.02
CA ASN E 178 -22.23 16.40 -35.50
C ASN E 178 -20.84 15.80 -35.24
N LEU E 179 -20.70 15.13 -34.10
CA LEU E 179 -19.45 14.45 -33.77
C LEU E 179 -19.27 13.25 -34.69
N LYS E 180 -20.36 12.53 -34.95
CA LYS E 180 -20.35 11.38 -35.83
C LYS E 180 -19.91 11.80 -37.24
N ALA E 181 -20.45 12.91 -37.72
CA ALA E 181 -20.13 13.40 -39.05
C ALA E 181 -18.70 13.91 -39.14
N LEU E 182 -18.19 14.47 -38.03
CA LEU E 182 -16.83 14.95 -37.99
C LEU E 182 -15.84 13.79 -38.14
N ARG E 183 -16.18 12.66 -37.51
CA ARG E 183 -15.34 11.47 -37.63
C ARG E 183 -15.27 11.01 -39.08
N GLU E 184 -16.42 10.76 -39.68
CA GLU E 184 -16.50 10.27 -41.05
C GLU E 184 -15.78 11.22 -42.01
N LYS E 185 -15.89 12.52 -41.74
CA LYS E 185 -15.19 13.53 -42.53
C LYS E 185 -13.68 13.34 -42.44
N VAL E 186 -13.18 13.18 -41.23
CA VAL E 186 -11.74 13.02 -41.00
C VAL E 186 -11.26 11.67 -41.52
N LEU E 187 -12.02 10.63 -41.27
CA LEU E 187 -11.66 9.29 -41.76
C LEU E 187 -11.82 9.23 -43.27
N GLY E 188 -12.62 10.14 -43.82
CA GLY E 188 -12.86 10.19 -45.25
C GLY E 188 -11.81 10.98 -46.01
N LEU E 189 -10.98 11.73 -45.28
CA LEU E 189 -9.89 12.48 -45.90
C LEU E 189 -8.90 11.50 -46.52
N PRO E 190 -8.57 11.70 -47.83
CA PRO E 190 -7.72 10.77 -48.60
C PRO E 190 -6.50 10.21 -47.87
N ALA E 191 -5.68 11.08 -47.29
CA ALA E 191 -4.44 10.64 -46.64
C ALA E 191 -4.73 9.87 -45.36
N ILE E 192 -5.83 10.23 -44.69
CA ILE E 192 -6.24 9.52 -43.48
C ILE E 192 -6.80 8.16 -43.84
N LYS E 193 -7.78 8.15 -44.73
CA LYS E 193 -8.41 6.91 -45.20
C LYS E 193 -7.34 5.91 -45.65
N ALA E 194 -6.27 6.43 -46.25
CA ALA E 194 -5.17 5.59 -46.69
C ALA E 194 -4.41 5.02 -45.51
N TRP E 195 -4.20 5.85 -44.48
CA TRP E 195 -3.48 5.41 -43.29
C TRP E 195 -4.31 4.40 -42.48
N VAL E 196 -5.61 4.65 -42.38
CA VAL E 196 -6.50 3.74 -41.65
C VAL E 196 -6.55 2.37 -42.33
N ALA E 197 -6.67 2.37 -43.65
CA ALA E 197 -6.65 1.12 -44.41
C ALA E 197 -5.29 0.43 -44.24
N LYS E 198 -4.27 1.24 -43.94
CA LYS E 198 -2.90 0.76 -43.88
C LYS E 198 -2.49 0.33 -42.47
N ARG E 199 -3.09 0.92 -41.45
CA ARG E 199 -2.61 0.76 -40.07
C ARG E 199 -2.96 -0.60 -39.47
N PRO E 200 -2.14 -1.06 -38.51
CA PRO E 200 -2.47 -2.26 -37.72
C PRO E 200 -3.76 -2.07 -36.91
N PRO E 201 -4.75 -2.96 -37.08
CA PRO E 201 -5.99 -2.80 -36.31
C PRO E 201 -5.83 -3.19 -34.84
N THR E 202 -6.21 -2.28 -33.94
CA THR E 202 -6.21 -2.56 -32.51
C THR E 202 -7.46 -1.99 -31.85
N ASP E 203 -7.80 -2.52 -30.68
CA ASP E 203 -9.02 -2.12 -29.98
C ASP E 203 -8.84 -0.79 -29.25
N LEU E 204 -7.60 -0.49 -28.86
CA LEU E 204 -7.30 0.81 -28.25
C LEU E 204 -6.95 1.80 -29.35
N TYR F 5 -10.39 42.54 -17.22
CA TYR F 5 -9.98 41.17 -16.89
C TYR F 5 -10.65 40.70 -15.61
N LYS F 6 -11.25 39.51 -15.66
CA LYS F 6 -11.93 38.93 -14.50
C LYS F 6 -11.62 37.44 -14.36
N LEU F 7 -11.02 37.07 -13.23
CA LEU F 7 -10.60 35.69 -12.98
C LEU F 7 -11.32 35.08 -11.79
N THR F 8 -11.64 33.80 -11.90
CA THR F 8 -12.25 33.04 -10.80
C THR F 8 -11.43 31.80 -10.49
N TYR F 9 -11.14 31.59 -9.20
CA TYR F 9 -10.54 30.34 -8.74
C TYR F 9 -10.62 30.22 -7.22
N LEU F 15 -4.21 26.36 -8.92
CA LEU F 15 -4.22 26.44 -10.37
C LEU F 15 -4.50 27.86 -10.86
N GLY F 16 -4.63 28.80 -9.93
CA GLY F 16 -4.91 30.19 -10.27
C GLY F 16 -3.65 31.03 -10.35
N GLU F 17 -2.65 30.66 -9.56
CA GLU F 17 -1.44 31.47 -9.42
C GLU F 17 -0.63 31.64 -10.70
N PRO F 18 -0.65 30.65 -11.60
CA PRO F 18 0.02 30.93 -12.88
C PRO F 18 -0.64 32.07 -13.65
N ILE F 19 -1.97 32.10 -13.66
CA ILE F 19 -2.72 33.14 -14.34
C ILE F 19 -2.45 34.51 -13.73
N ARG F 20 -2.35 34.54 -12.41
CA ARG F 20 -2.19 35.79 -11.68
C ARG F 20 -0.75 36.27 -11.69
N PHE F 21 0.20 35.32 -11.72
CA PHE F 21 1.60 35.65 -11.90
C PHE F 21 1.80 36.40 -13.22
N LEU F 22 1.23 35.84 -14.28
CA LEU F 22 1.37 36.40 -15.62
C LEU F 22 0.70 37.76 -15.73
N LEU F 23 -0.49 37.89 -15.18
CA LEU F 23 -1.21 39.16 -15.22
C LEU F 23 -0.52 40.21 -14.36
N SER F 24 0.27 39.75 -13.39
CA SER F 24 1.02 40.65 -12.54
C SER F 24 2.29 41.12 -13.25
N TYR F 25 2.95 40.20 -13.95
CA TYR F 25 4.16 40.52 -14.69
C TYR F 25 3.83 41.42 -15.87
N GLY F 26 2.63 41.28 -16.42
CA GLY F 26 2.18 42.08 -17.54
C GLY F 26 1.59 43.41 -17.10
N GLU F 27 1.50 43.61 -15.79
CA GLU F 27 0.96 44.84 -15.22
C GLU F 27 -0.43 45.18 -15.77
N LYS F 28 -1.36 44.25 -15.59
CA LYS F 28 -2.76 44.45 -15.98
C LYS F 28 -3.63 44.44 -14.74
N ASP F 29 -4.72 45.20 -14.77
CA ASP F 29 -5.62 45.31 -13.62
C ASP F 29 -6.81 44.37 -13.76
N PHE F 30 -6.85 43.35 -12.91
CA PHE F 30 -7.93 42.37 -12.92
C PHE F 30 -8.51 42.20 -11.52
N GLU F 31 -9.68 41.57 -11.45
CA GLU F 31 -10.33 41.28 -10.17
C GLU F 31 -10.09 39.82 -9.77
N ASP F 32 -9.39 39.65 -8.66
CA ASP F 32 -9.06 38.34 -8.13
C ASP F 32 -10.27 37.76 -7.40
N TYR F 33 -11.27 37.35 -8.17
CA TYR F 33 -12.51 36.83 -7.59
C TYR F 33 -12.29 35.46 -6.95
N ARG F 34 -12.54 35.39 -5.64
CA ARG F 34 -12.40 34.15 -4.89
C ARG F 34 -13.65 33.89 -4.05
N TRP F 40 -20.45 27.78 -5.30
CA TRP F 40 -19.79 27.05 -6.39
C TRP F 40 -20.80 26.40 -7.33
N PRO F 41 -21.81 25.69 -6.76
CA PRO F 41 -22.84 25.06 -7.61
C PRO F 41 -23.69 26.08 -8.37
N ASN F 42 -23.61 27.35 -7.99
CA ASN F 42 -24.37 28.40 -8.67
C ASN F 42 -23.63 28.93 -9.90
N LEU F 43 -22.32 29.15 -9.73
CA LEU F 43 -21.48 29.67 -10.80
C LEU F 43 -20.99 28.56 -11.72
N LYS F 44 -20.89 27.35 -11.19
CA LYS F 44 -20.42 26.18 -11.92
C LYS F 44 -21.02 26.07 -13.34
N PRO F 45 -22.35 26.04 -13.44
CA PRO F 45 -22.97 25.93 -14.77
C PRO F 45 -22.70 27.12 -15.69
N SER F 46 -22.24 28.23 -15.13
CA SER F 46 -21.93 29.41 -15.93
C SER F 46 -20.63 29.21 -16.71
N MET F 47 -19.73 28.42 -16.16
CA MET F 47 -18.45 28.12 -16.81
C MET F 47 -18.69 27.30 -18.07
N PRO F 48 -17.93 27.57 -19.14
CA PRO F 48 -18.17 26.92 -20.44
C PRO F 48 -18.07 25.40 -20.42
N PHE F 49 -17.31 24.85 -19.47
CA PHE F 49 -17.25 23.40 -19.28
C PHE F 49 -17.27 23.07 -17.78
N GLY F 50 -18.07 23.83 -17.05
CA GLY F 50 -18.35 23.55 -15.65
C GLY F 50 -17.12 23.51 -14.77
N LYS F 51 -16.03 24.12 -15.24
CA LYS F 51 -14.77 24.11 -14.52
C LYS F 51 -14.10 25.47 -14.50
N THR F 52 -13.40 25.75 -13.40
CA THR F 52 -12.55 26.92 -13.29
C THR F 52 -11.12 26.42 -13.36
N PRO F 53 -10.14 27.32 -13.55
CA PRO F 53 -10.21 28.77 -13.69
C PRO F 53 -10.87 29.26 -14.99
N VAL F 54 -11.56 30.40 -14.89
CA VAL F 54 -12.10 31.10 -16.05
C VAL F 54 -11.54 32.52 -16.07
N LEU F 55 -11.15 32.99 -17.25
CA LEU F 55 -10.67 34.36 -17.40
C LEU F 55 -11.53 35.12 -18.40
N GLU F 56 -12.20 36.16 -17.92
CA GLU F 56 -13.03 36.99 -18.78
C GLU F 56 -12.17 38.10 -19.39
N ILE F 57 -11.96 38.03 -20.71
CA ILE F 57 -11.13 38.99 -21.42
C ILE F 57 -12.01 39.91 -22.26
N ASP F 58 -12.36 41.06 -21.70
CA ASP F 58 -13.25 42.02 -22.37
C ASP F 58 -14.60 41.36 -22.65
N GLY F 59 -15.17 40.75 -21.62
CA GLY F 59 -16.45 40.07 -21.74
C GLY F 59 -16.31 38.61 -22.14
N LYS F 60 -15.67 38.38 -23.28
CA LYS F 60 -15.48 37.04 -23.82
C LYS F 60 -14.87 36.07 -22.80
N GLN F 61 -15.45 34.88 -22.71
CA GLN F 61 -15.01 33.88 -21.73
C GLN F 61 -13.88 33.00 -22.26
N THR F 62 -12.98 32.60 -21.37
CA THR F 62 -11.90 31.69 -21.71
C THR F 62 -11.62 30.79 -20.51
N HIS F 63 -11.18 29.56 -20.78
CA HIS F 63 -10.88 28.60 -19.72
C HIS F 63 -9.62 27.79 -20.03
N GLN F 64 -9.39 26.74 -19.24
CA GLN F 64 -8.18 25.91 -19.33
C GLN F 64 -6.93 26.69 -18.93
N SER F 65 -6.40 26.35 -17.76
CA SER F 65 -5.31 27.09 -17.14
C SER F 65 -4.05 27.16 -17.99
N VAL F 66 -3.71 26.05 -18.66
CA VAL F 66 -2.51 26.02 -19.50
C VAL F 66 -2.71 26.83 -20.78
N ALA F 67 -3.90 26.72 -21.37
CA ALA F 67 -4.21 27.43 -22.59
C ALA F 67 -4.20 28.95 -22.36
N ILE F 68 -4.79 29.37 -21.25
CA ILE F 68 -4.81 30.79 -20.88
C ILE F 68 -3.41 31.29 -20.65
N SER F 69 -2.62 30.52 -19.89
CA SER F 69 -1.25 30.90 -19.55
C SER F 69 -0.39 31.03 -20.81
N ARG F 70 -0.62 30.15 -21.78
CA ARG F 70 0.12 30.22 -23.04
C ARG F 70 -0.24 31.50 -23.78
N TYR F 71 -1.53 31.81 -23.83
CA TYR F 71 -2.01 33.02 -24.48
C TYR F 71 -1.41 34.26 -23.83
N LEU F 72 -1.50 34.34 -22.50
CA LEU F 72 -0.97 35.47 -21.76
C LEU F 72 0.54 35.59 -21.94
N GLY F 73 1.20 34.44 -22.05
CA GLY F 73 2.64 34.40 -22.27
C GLY F 73 3.00 35.09 -23.57
N LYS F 74 2.20 34.83 -24.60
CA LYS F 74 2.42 35.42 -25.93
C LYS F 74 2.20 36.93 -25.92
N GLN F 75 1.33 37.41 -25.04
CA GLN F 75 1.04 38.85 -24.97
C GLN F 75 2.15 39.61 -24.24
N PHE F 76 2.78 38.95 -23.27
CA PHE F 76 3.72 39.62 -22.37
C PHE F 76 5.18 39.29 -22.67
N GLY F 77 5.44 38.79 -23.88
CA GLY F 77 6.81 38.56 -24.32
C GLY F 77 7.49 37.40 -23.60
N LEU F 78 6.70 36.37 -23.27
CA LEU F 78 7.21 35.22 -22.55
C LEU F 78 7.00 33.92 -23.33
N SER F 79 6.93 34.05 -24.65
CA SER F 79 6.74 32.89 -25.52
C SER F 79 7.96 32.68 -26.42
N GLY F 80 7.85 31.74 -27.36
CA GLY F 80 8.98 31.36 -28.19
C GLY F 80 9.23 32.28 -29.37
N LYS F 81 10.47 32.30 -29.84
CA LYS F 81 10.84 33.10 -31.01
C LYS F 81 10.22 32.51 -32.26
N ASP F 82 10.05 31.18 -32.26
CA ASP F 82 9.49 30.47 -33.41
C ASP F 82 8.69 29.24 -32.96
N ASP F 83 8.25 28.44 -33.92
CA ASP F 83 7.43 27.28 -33.62
C ASP F 83 8.17 26.27 -32.74
N TRP F 84 9.44 26.05 -33.02
CA TRP F 84 10.20 25.05 -32.29
C TRP F 84 10.41 25.43 -30.84
N GLU F 85 10.65 26.73 -30.59
CA GLU F 85 10.80 27.21 -29.23
C GLU F 85 9.51 27.01 -28.45
N ASN F 86 8.38 27.36 -29.07
CA ASN F 86 7.08 27.20 -28.44
C ASN F 86 6.77 25.74 -28.15
N LEU F 87 7.25 24.84 -29.01
CA LEU F 87 7.09 23.42 -28.78
C LEU F 87 7.82 23.03 -27.52
N GLU F 88 9.07 23.47 -27.41
CA GLU F 88 9.89 23.20 -26.24
C GLU F 88 9.19 23.68 -24.98
N ILE F 89 8.58 24.86 -25.06
CA ILE F 89 7.82 25.38 -23.93
C ILE F 89 6.58 24.52 -23.65
N ASP F 90 5.88 24.13 -24.71
CA ASP F 90 4.68 23.32 -24.55
C ASP F 90 5.00 21.96 -23.96
N MET F 91 6.08 21.34 -24.43
CA MET F 91 6.44 20.00 -24.00
C MET F 91 6.78 19.95 -22.51
N ILE F 92 7.53 20.93 -22.03
CA ILE F 92 7.95 20.94 -20.64
C ILE F 92 6.75 21.19 -19.72
N VAL F 93 5.82 22.02 -20.17
CA VAL F 93 4.63 22.33 -19.36
C VAL F 93 3.68 21.13 -19.28
N ASP F 94 3.48 20.43 -20.38
CA ASP F 94 2.64 19.22 -20.35
C ASP F 94 3.31 18.16 -19.48
N THR F 95 4.64 18.21 -19.43
CA THR F 95 5.39 17.27 -18.61
C THR F 95 5.23 17.60 -17.13
N ILE F 96 5.12 18.90 -16.82
CA ILE F 96 4.82 19.32 -15.45
C ILE F 96 3.45 18.78 -15.05
N SER F 97 2.51 18.79 -15.99
CA SER F 97 1.16 18.31 -15.72
C SER F 97 1.16 16.81 -15.44
N ASP F 98 2.06 16.08 -16.09
CA ASP F 98 2.18 14.65 -15.86
C ASP F 98 2.82 14.39 -14.50
N PHE F 99 3.84 15.19 -14.18
CA PHE F 99 4.52 15.08 -12.90
C PHE F 99 3.58 15.51 -11.77
N ARG F 100 2.63 16.39 -12.08
CA ARG F 100 1.59 16.75 -11.13
C ARG F 100 0.65 15.59 -10.93
N ALA F 101 0.27 14.93 -12.02
CA ALA F 101 -0.68 13.84 -11.98
C ALA F 101 -0.16 12.68 -11.15
N ALA F 102 1.13 12.40 -11.25
CA ALA F 102 1.75 11.32 -10.50
C ALA F 102 1.74 11.63 -9.01
N ILE F 103 1.84 12.91 -8.68
CA ILE F 103 1.77 13.37 -7.29
C ILE F 103 0.32 13.37 -6.83
N ALA F 104 -0.55 13.98 -7.63
CA ALA F 104 -1.98 14.06 -7.30
C ALA F 104 -2.57 12.67 -7.18
N ASN F 105 -1.97 11.71 -7.87
CA ASN F 105 -2.41 10.32 -7.83
C ASN F 105 -2.35 9.75 -6.41
N TYR F 106 -1.32 10.12 -5.67
CA TYR F 106 -1.16 9.71 -4.28
C TYR F 106 -2.07 10.53 -3.37
N HIS F 107 -1.98 11.85 -3.51
CA HIS F 107 -2.63 12.79 -2.62
C HIS F 107 -4.13 12.55 -2.45
N TYR F 108 -4.83 12.39 -3.57
CA TYR F 108 -6.29 12.27 -3.55
C TYR F 108 -6.78 10.83 -3.47
N ASP F 109 -5.87 9.88 -3.26
CA ASP F 109 -6.25 8.48 -3.12
C ASP F 109 -7.10 8.32 -1.85
N ALA F 110 -8.36 7.93 -2.03
CA ALA F 110 -9.32 7.92 -0.93
C ALA F 110 -9.29 6.63 -0.11
N ASP F 111 -8.44 5.69 -0.51
CA ASP F 111 -8.26 4.44 0.24
C ASP F 111 -6.86 4.41 0.86
N GLU F 112 -6.81 4.22 2.17
CA GLU F 112 -5.56 4.28 2.92
C GLU F 112 -4.53 3.27 2.41
N ASN F 113 -4.99 2.07 2.08
CA ASN F 113 -4.11 1.02 1.60
C ASN F 113 -3.54 1.35 0.23
N SER F 114 -4.35 2.01 -0.60
CA SER F 114 -3.94 2.38 -1.94
C SER F 114 -2.88 3.47 -1.92
N LYS F 115 -3.09 4.49 -1.11
CA LYS F 115 -2.19 5.64 -1.04
C LYS F 115 -0.81 5.22 -0.53
N GLN F 116 -0.79 4.41 0.52
CA GLN F 116 0.47 3.97 1.13
C GLN F 116 1.30 3.15 0.13
N LYS F 117 0.63 2.49 -0.79
CA LYS F 117 1.30 1.67 -1.80
C LYS F 117 1.86 2.53 -2.94
N LYS F 118 1.52 3.81 -2.93
CA LYS F 118 1.97 4.75 -3.95
C LYS F 118 3.07 5.67 -3.43
N TRP F 119 3.38 5.54 -2.14
CA TRP F 119 4.33 6.43 -1.48
C TRP F 119 5.77 6.14 -1.88
N ASP F 120 6.23 4.91 -1.61
CA ASP F 120 7.61 4.52 -1.88
C ASP F 120 8.03 4.79 -3.33
N PRO F 121 7.18 4.43 -4.31
CA PRO F 121 7.53 4.74 -5.70
C PRO F 121 7.62 6.24 -5.95
N LEU F 122 6.60 6.98 -5.51
CA LEU F 122 6.56 8.42 -5.69
C LEU F 122 7.77 9.10 -5.04
N LYS F 123 8.16 8.62 -3.88
CA LYS F 123 9.22 9.26 -3.11
C LYS F 123 10.62 8.72 -3.43
N LYS F 124 10.69 7.54 -4.03
CA LYS F 124 11.97 6.89 -4.32
C LYS F 124 12.26 6.74 -5.81
N GLU F 125 11.22 6.86 -6.64
CA GLU F 125 11.36 6.71 -8.08
C GLU F 125 10.90 7.96 -8.82
N THR F 126 9.60 8.23 -8.75
CA THR F 126 8.98 9.32 -9.50
C THR F 126 9.63 10.68 -9.24
N ILE F 127 9.71 11.05 -7.96
CA ILE F 127 10.18 12.38 -7.59
C ILE F 127 11.67 12.59 -7.88
N PRO F 128 12.53 11.64 -7.47
CA PRO F 128 13.95 11.76 -7.84
C PRO F 128 14.14 11.85 -9.34
N TYR F 129 13.35 11.09 -10.09
CA TYR F 129 13.46 11.04 -11.54
C TYR F 129 13.15 12.39 -12.17
N TYR F 130 11.91 12.84 -12.03
CA TYR F 130 11.45 14.08 -12.65
C TYR F 130 12.28 15.29 -12.26
N THR F 131 12.61 15.38 -10.98
CA THR F 131 13.36 16.53 -10.46
C THR F 131 14.78 16.56 -11.00
N LYS F 132 15.40 15.39 -11.10
CA LYS F 132 16.74 15.28 -11.66
C LYS F 132 16.69 15.60 -13.16
N LYS F 133 15.64 15.15 -13.82
CA LYS F 133 15.46 15.40 -15.25
C LYS F 133 15.14 16.87 -15.49
N PHE F 134 14.27 17.43 -14.64
CA PHE F 134 13.94 18.85 -14.71
C PHE F 134 15.19 19.70 -14.50
N ASP F 135 15.98 19.33 -13.49
CA ASP F 135 17.18 20.09 -13.15
C ASP F 135 18.17 20.10 -14.31
N GLU F 136 18.31 18.96 -14.97
CA GLU F 136 19.20 18.84 -16.12
C GLU F 136 18.73 19.73 -17.27
N VAL F 137 17.42 19.92 -17.37
CA VAL F 137 16.85 20.78 -18.40
C VAL F 137 17.17 22.24 -18.12
N VAL F 138 17.06 22.63 -16.86
CA VAL F 138 17.31 24.02 -16.47
C VAL F 138 18.76 24.40 -16.69
N LYS F 139 19.68 23.57 -16.21
CA LYS F 139 21.11 23.81 -16.38
C LYS F 139 21.48 23.96 -17.85
N ALA F 140 20.85 23.14 -18.69
CA ALA F 140 21.18 23.11 -20.11
C ALA F 140 20.65 24.34 -20.86
N ASN F 141 19.64 24.98 -20.29
CA ASN F 141 19.04 26.17 -20.87
C ASN F 141 19.52 27.45 -20.18
N GLY F 142 20.68 27.38 -19.55
CA GLY F 142 21.25 28.54 -18.88
C GLY F 142 20.36 29.07 -17.77
N GLY F 143 19.64 28.17 -17.11
CA GLY F 143 18.85 28.52 -15.94
C GLY F 143 17.37 28.78 -16.22
N TYR F 144 16.81 28.10 -17.22
CA TYR F 144 15.39 28.22 -17.53
C TYR F 144 14.81 26.89 -18.00
N LEU F 145 13.49 26.75 -17.92
CA LEU F 145 12.84 25.49 -18.29
C LEU F 145 12.76 25.28 -19.80
N ALA F 146 12.89 26.35 -20.57
CA ALA F 146 12.82 26.23 -22.02
C ALA F 146 13.32 27.48 -22.75
N ALA F 147 13.76 27.28 -24.00
CA ALA F 147 14.14 28.37 -24.90
C ALA F 147 15.31 29.20 -24.40
N GLY F 148 16.05 28.67 -23.43
CA GLY F 148 17.22 29.35 -22.91
C GLY F 148 16.92 30.74 -22.39
N LYS F 149 15.68 30.95 -21.96
CA LYS F 149 15.23 32.27 -21.51
C LYS F 149 13.98 32.14 -20.64
N LEU F 150 13.57 33.26 -20.05
CA LEU F 150 12.36 33.29 -19.24
C LEU F 150 11.13 33.13 -20.13
N THR F 151 10.23 32.22 -19.76
CA THR F 151 9.02 31.98 -20.51
C THR F 151 7.85 31.78 -19.55
N TRP F 152 6.65 31.61 -20.10
CA TRP F 152 5.46 31.42 -19.27
C TRP F 152 5.49 30.07 -18.57
N ALA F 153 6.37 29.17 -19.02
CA ALA F 153 6.57 27.89 -18.36
C ALA F 153 7.15 28.09 -16.97
N ASP F 154 8.20 28.90 -16.88
CA ASP F 154 8.86 29.19 -15.61
C ASP F 154 7.87 29.77 -14.61
N PHE F 155 6.94 30.57 -15.09
CA PHE F 155 5.91 31.16 -14.24
C PHE F 155 4.94 30.10 -13.75
N TYR F 156 4.48 29.26 -14.68
CA TYR F 156 3.53 28.20 -14.34
C TYR F 156 4.14 27.25 -13.32
N PHE F 157 5.37 26.84 -13.57
CA PHE F 157 6.06 25.89 -12.72
C PHE F 157 6.27 26.44 -11.31
N VAL F 158 6.88 27.61 -11.22
CA VAL F 158 7.20 28.21 -9.91
C VAL F 158 5.94 28.60 -9.15
N ALA F 159 4.89 28.97 -9.87
CA ALA F 159 3.62 29.33 -9.24
C ALA F 159 2.97 28.13 -8.57
N ILE F 160 2.76 27.07 -9.34
CA ILE F 160 2.09 25.88 -8.85
C ILE F 160 2.99 25.02 -7.96
N LEU F 161 4.25 25.41 -7.83
CA LEU F 161 5.24 24.58 -7.12
C LEU F 161 4.91 24.36 -5.65
N ASP F 162 4.52 25.43 -4.96
CA ASP F 162 4.20 25.35 -3.53
C ASP F 162 3.10 24.33 -3.32
N TYR F 163 2.19 24.27 -4.28
CA TYR F 163 1.07 23.33 -4.23
C TYR F 163 1.54 21.90 -4.49
N LEU F 164 2.61 21.75 -5.27
CA LEU F 164 3.18 20.42 -5.51
C LEU F 164 4.03 20.00 -4.32
N ASN F 165 4.58 20.98 -3.61
CA ASN F 165 5.32 20.72 -2.38
C ASN F 165 4.36 20.34 -1.25
N HIS F 166 3.13 20.80 -1.37
CA HIS F 166 2.09 20.50 -0.39
C HIS F 166 1.71 19.01 -0.44
N MET F 167 1.32 18.55 -1.62
CA MET F 167 0.90 17.16 -1.80
C MET F 167 2.04 16.17 -1.56
N ALA F 168 3.25 16.56 -1.97
CA ALA F 168 4.40 15.66 -1.90
C ALA F 168 5.03 15.64 -0.51
N LYS F 169 4.61 16.57 0.34
CA LYS F 169 5.11 16.69 1.72
C LYS F 169 6.62 16.95 1.78
N GLU F 170 7.10 17.77 0.86
CA GLU F 170 8.52 18.15 0.80
C GLU F 170 8.71 19.33 -0.12
N ASP F 171 9.83 20.02 0.00
CA ASP F 171 10.22 21.03 -0.97
C ASP F 171 10.99 20.33 -2.09
N LEU F 172 10.37 20.25 -3.27
CA LEU F 172 10.87 19.42 -4.35
C LEU F 172 12.17 19.95 -4.98
N VAL F 173 12.35 21.26 -4.93
CA VAL F 173 13.51 21.89 -5.58
C VAL F 173 14.63 22.22 -4.60
N ALA F 174 14.53 21.68 -3.38
CA ALA F 174 15.51 21.98 -2.33
C ALA F 174 16.84 21.27 -2.59
N ASN F 175 16.77 19.98 -2.87
CA ASN F 175 17.97 19.18 -3.11
C ASN F 175 18.43 19.25 -4.57
N GLN F 176 17.78 20.10 -5.35
CA GLN F 176 18.12 20.29 -6.76
C GLN F 176 18.64 21.71 -6.99
N PRO F 177 19.93 21.85 -7.32
CA PRO F 177 20.57 23.16 -7.39
C PRO F 177 19.95 24.11 -8.42
N ASN F 178 19.98 23.72 -9.68
CA ASN F 178 19.50 24.58 -10.76
C ASN F 178 18.01 24.91 -10.64
N LEU F 179 17.26 23.99 -10.05
CA LEU F 179 15.82 24.19 -9.87
C LEU F 179 15.54 25.19 -8.76
N LYS F 180 16.27 25.07 -7.66
CA LYS F 180 16.14 26.00 -6.55
C LYS F 180 16.49 27.41 -7.02
N ALA F 181 17.48 27.51 -7.90
CA ALA F 181 17.93 28.80 -8.41
C ALA F 181 16.88 29.44 -9.32
N LEU F 182 16.13 28.61 -10.04
CA LEU F 182 15.02 29.12 -10.85
C LEU F 182 13.88 29.71 -10.01
N ARG F 183 13.55 29.06 -8.90
CA ARG F 183 12.49 29.56 -8.02
C ARG F 183 12.87 30.92 -7.41
N GLU F 184 14.15 31.07 -7.07
CA GLU F 184 14.64 32.32 -6.52
C GLU F 184 14.59 33.44 -7.57
N LYS F 185 14.79 33.06 -8.82
CA LYS F 185 14.77 34.01 -9.93
C LYS F 185 13.36 34.54 -10.16
N VAL F 186 12.41 33.64 -10.38
CA VAL F 186 11.03 34.02 -10.68
C VAL F 186 10.38 34.85 -9.58
N LEU F 187 10.42 34.34 -8.35
CA LEU F 187 9.85 35.08 -7.23
C LEU F 187 10.66 36.35 -6.96
N GLY F 188 11.86 36.41 -7.51
CA GLY F 188 12.74 37.55 -7.34
C GLY F 188 12.49 38.65 -8.37
N LEU F 189 11.55 38.43 -9.28
CA LEU F 189 11.17 39.46 -10.24
C LEU F 189 10.27 40.47 -9.53
N PRO F 190 10.49 41.77 -9.77
CA PRO F 190 9.79 42.82 -9.01
C PRO F 190 8.26 42.67 -8.97
N ALA F 191 7.66 42.44 -10.14
CA ALA F 191 6.21 42.32 -10.23
C ALA F 191 5.71 41.08 -9.49
N ILE F 192 6.56 40.07 -9.37
CA ILE F 192 6.20 38.82 -8.70
C ILE F 192 6.56 38.90 -7.21
N LYS F 193 7.72 39.48 -6.91
CA LYS F 193 8.11 39.72 -5.53
C LYS F 193 7.05 40.55 -4.83
N ALA F 194 6.35 41.37 -5.61
CA ALA F 194 5.29 42.23 -5.09
C ALA F 194 3.97 41.47 -4.95
N TRP F 195 3.68 40.60 -5.92
CA TRP F 195 2.41 39.89 -5.96
C TRP F 195 2.13 39.07 -4.70
N VAL F 196 3.17 38.46 -4.15
CA VAL F 196 3.03 37.58 -2.99
C VAL F 196 2.57 38.36 -1.77
N ALA F 197 2.90 39.64 -1.70
CA ALA F 197 2.52 40.47 -0.57
C ALA F 197 1.03 40.76 -0.53
N LYS F 198 0.43 40.97 -1.69
CA LYS F 198 -0.97 41.37 -1.77
C LYS F 198 -1.92 40.20 -1.59
N ARG F 199 -1.58 39.05 -2.18
CA ARG F 199 -2.48 37.89 -2.15
C ARG F 199 -2.82 37.44 -0.71
N PRO F 200 -4.01 36.85 -0.51
CA PRO F 200 -4.33 36.32 0.82
C PRO F 200 -3.46 35.11 1.18
N1 GSH G . -4.47 6.84 23.45
CA1 GSH G . -3.26 6.67 22.73
C1 GSH G . -2.16 6.19 23.66
O11 GSH G . -2.08 6.66 24.83
O12 GSH G . -1.33 5.33 23.27
CB1 GSH G . -2.86 7.99 22.09
CG1 GSH G . -1.61 7.77 21.24
CD1 GSH G . -1.24 9.10 20.56
OE1 GSH G . -1.89 10.09 20.80
N2 GSH G . -0.14 9.15 19.63
CA2 GSH G . 0.24 10.37 18.98
C2 GSH G . 0.29 10.12 17.48
O2 GSH G . 0.51 9.00 17.05
CB2 GSH G . 1.61 10.78 19.44
SG2 GSH G . 1.60 11.01 21.19
N3 GSH G . 0.11 11.22 16.55
CA3 GSH G . 0.17 10.97 15.14
C3 GSH G . -1.25 10.91 14.57
O31 GSH G . -1.49 10.23 13.53
O32 GSH G . -2.18 11.53 15.13
N2 GSH H . 3.80 14.49 16.93
CA2 GSH H . 4.04 14.82 18.31
C2 GSH H . 5.01 16.00 18.35
CB2 GSH H . 4.68 13.64 18.97
SG2 GSH H . 5.79 12.90 17.81
N2 GSH I . -2.27 14.67 20.97
CA2 GSH I . -0.88 14.45 20.78
C2 GSH I . -0.59 14.39 19.29
O2 GSH I . -1.36 13.80 18.55
CB2 GSH I . -0.46 13.17 21.43
SG2 GSH I . 1.30 13.01 21.40
N3 GSH I . 0.60 15.01 18.74
C1 GOL J . -6.11 8.26 12.91
O1 GOL J . -4.91 8.12 13.63
C2 GOL J . -6.45 9.74 12.73
O2 GOL J . -5.47 10.35 11.94
C3 GOL J . -7.81 9.86 12.06
O3 GOL J . -8.26 11.20 12.16
N1 GSH K . 5.95 -28.72 -6.72
CA1 GSH K . 4.68 -29.19 -6.31
C1 GSH K . 3.91 -28.06 -5.65
O11 GSH K . 4.49 -27.28 -4.87
O12 GSH K . 2.68 -27.92 -5.88
CB1 GSH K . 4.83 -30.34 -5.32
CG1 GSH K . 3.43 -30.80 -4.91
CD1 GSH K . 3.50 -32.08 -4.06
OE1 GSH K . 4.57 -32.48 -3.66
N2 GSH K . 2.28 -32.76 -3.72
CA2 GSH K . 2.24 -33.95 -2.92
C2 GSH K . 1.37 -34.97 -3.65
O2 GSH K . 0.48 -34.59 -4.38
CB2 GSH K . 1.55 -33.65 -1.62
SG2 GSH K . 2.27 -32.25 -0.82
N3 GSH K . 1.60 -36.39 -3.47
CA3 GSH K . 0.77 -37.34 -4.17
C3 GSH K . 1.64 -38.40 -4.84
O31 GSH K . 1.12 -39.31 -5.53
O32 GSH K . 2.90 -38.35 -4.71
CD1 GSH L . 7.49 -36.06 -0.66
N2 GSH L . 6.60 -34.95 -0.88
CA2 GSH L . 5.42 -34.78 -0.08
C2 GSH L . 4.32 -35.69 -0.63
O2 GSH L . 4.25 -35.88 -1.83
CB2 GSH L . 4.98 -33.34 -0.19
SG2 GSH L . 3.44 -33.09 0.62
N3 GSH L . 3.38 -36.31 0.27
C1 GOL M . 3.62 -38.17 -10.40
O1 GOL M . 2.63 -37.71 -9.52
C2 GOL M . 4.43 -39.28 -9.73
O2 GOL M . 3.57 -40.09 -8.96
C3 GOL M . 5.13 -40.13 -10.79
O3 GOL M . 5.93 -41.11 -10.18
N1 GSH N . 17.36 -23.27 -6.71
CA1 GSH N . 18.61 -22.83 -7.20
C1 GSH N . 18.51 -22.41 -8.64
O11 GSH N . 17.75 -23.04 -9.44
O12 GSH N . 19.16 -21.42 -9.06
CB1 GSH N . 19.63 -23.97 -7.08
CG1 GSH N . 21.00 -23.31 -6.89
CD1 GSH N . 22.09 -24.38 -6.70
OE1 GSH N . 21.81 -25.53 -6.46
N2 GSH N . 23.45 -23.95 -6.83
CA2 GSH N . 24.56 -24.85 -6.70
C2 GSH N . 25.56 -24.14 -5.79
O2 GSH N . 25.70 -22.94 -5.90
CB2 GSH N . 25.19 -25.01 -8.05
SG2 GSH N . 23.95 -24.93 -9.30
N3 GSH N . 26.35 -24.88 -4.84
CA3 GSH N . 27.30 -24.18 -4.00
C3 GSH N . 27.04 -24.48 -2.52
O31 GSH N . 27.91 -24.17 -1.66
O32 GSH N . 25.97 -25.04 -2.17
C1 GOL O . 23.50 -23.74 3.24
O1 GOL O . 24.13 -24.88 3.79
C2 GOL O . 24.51 -22.90 2.47
O2 GOL O . 25.56 -23.72 2.01
C3 GOL O . 23.83 -22.23 1.28
O3 GOL O . 24.63 -21.16 0.82
CL CL P . 25.75 -22.54 -15.17
N1 GSH Q . -12.66 9.58 32.35
CA1 GSH Q . -13.89 9.70 33.04
C1 GSH Q . -14.73 8.46 32.79
O11 GSH Q . -14.77 7.95 31.64
O12 GSH Q . -15.41 7.96 33.73
CB1 GSH Q . -14.63 10.93 32.53
CG1 GSH Q . -15.89 11.13 33.39
CD1 GSH Q . -16.55 12.48 33.03
OE1 GSH Q . -16.08 13.16 32.15
N2 GSH Q . -17.71 12.91 33.76
CA2 GSH Q . -18.37 14.15 33.48
C2 GSH Q . -18.52 14.91 34.79
O2 GSH Q . -18.64 14.29 35.84
CB2 GSH Q . -19.76 13.87 32.96
SG2 GSH Q . -19.72 12.76 31.59
N3 GSH Q . -18.52 16.35 34.82
CA3 GSH Q . -18.68 17.07 36.07
C3 GSH Q . -17.51 18.03 36.28
O31 GSH Q . -17.58 18.92 37.18
O32 GSH Q . -16.48 17.94 35.57
N2 GSH R . -23.06 17.63 33.47
CA2 GSH R . -22.86 17.35 32.09
C2 GSH R . -24.14 17.71 31.33
CB2 GSH R . -22.62 15.89 31.92
SG2 GSH R . -24.20 15.10 32.02
CG1 GSH S . -14.57 17.59 28.46
CD1 GSH S . -16.07 17.35 28.63
OE1 GSH S . -16.87 18.20 28.28
N2 GSH S . -16.54 16.10 29.19
CA2 GSH S . -17.94 15.85 29.36
C2 GSH S . -18.47 16.68 30.51
O2 GSH S . -17.79 16.84 31.52
CB2 GSH S . -18.10 14.38 29.67
SG2 GSH S . -19.80 14.00 29.98
N3 GSH S . -19.79 17.27 30.42
C1 GOL T . -12.79 18.06 37.86
O1 GOL T . -13.08 17.29 39.01
C2 GOL T . -12.48 19.49 38.27
O2 GOL T . -12.24 19.55 39.65
C3 GOL T . -11.26 20.02 37.51
O3 GOL T . -10.83 21.23 38.09
N1 GSH U . 1.07 13.39 -21.25
CA1 GSH U . 1.68 12.40 -22.06
C1 GSH U . 1.29 12.61 -23.50
O11 GSH U . 0.12 12.97 -23.79
O12 GSH U . 2.12 12.43 -24.42
CB1 GSH U . 1.22 11.02 -21.60
CG1 GSH U . 2.14 9.98 -22.23
CD1 GSH U . 1.89 8.60 -21.59
OE1 GSH U . 1.05 8.46 -20.72
N2 GSH U . 2.66 7.47 -22.04
CA2 GSH U . 2.50 6.16 -21.49
C2 GSH U . 3.88 5.61 -21.24
O2 GSH U . 4.77 5.81 -22.06
CB2 GSH U . 1.83 5.28 -22.51
SG2 GSH U . 0.50 6.15 -23.27
N3 GSH U . 4.17 4.84 -20.04
CA3 GSH U . 5.50 4.33 -19.84
C3 GSH U . 5.80 4.29 -18.34
O31 GSH U . 6.64 3.47 -17.89
O32 GSH U . 5.23 5.10 -17.57
SG2 GSH V . 0.69 1.81 -24.32
SG2 GSH W . -1.17 5.21 -22.56
N1 GSH X . -7.23 21.13 -17.32
CA1 GSH X . -8.04 21.99 -16.53
C1 GSH X . -7.28 23.27 -16.25
O11 GSH X . -6.11 23.23 -15.81
O12 GSH X . -7.83 24.38 -16.46
CB1 GSH X . -8.36 21.32 -15.21
CG1 GSH X . -9.66 21.93 -14.66
CD1 GSH X . -9.64 21.82 -13.13
OE1 GSH X . -8.75 21.21 -12.57
N2 GSH X . -10.69 22.45 -12.35
CA2 GSH X . -10.66 22.35 -10.92
C2 GSH X . -12.04 22.66 -10.38
O2 GSH X . -12.87 23.21 -11.08
CB2 GSH X . -9.67 23.34 -10.38
SG2 GSH X . -8.95 22.68 -8.90
N3 GSH X . -12.37 22.28 -9.02
#